data_8PNT
#
_entry.id   8PNT
#
_cell.length_a   1.00
_cell.length_b   1.00
_cell.length_c   1.00
_cell.angle_alpha   90.00
_cell.angle_beta   90.00
_cell.angle_gamma   90.00
#
_symmetry.space_group_name_H-M   'P 1'
#
loop_
_entity.id
_entity.type
_entity.pdbx_description
1 polymer 'Nuclear cap-binding protein subunit 1'
2 polymer 'Nuclear cap-binding protein subunit 2'
3 polymer 'Phosphorylated adapter RNA export protein'
4 non-polymer "7N-METHYL-8-HYDROGUANOSINE-5'-TRIPHOSPHATE"
#
loop_
_entity_poly.entity_id
_entity_poly.type
_entity_poly.pdbx_seq_one_letter_code
_entity_poly.pdbx_strand_id
1 'polypeptide(L)'
;MKTSDANETEDHLESLICKVGEKSACSLESNLEGLAGVLEADLPNYKSKILRLLCTVARLLPEKLTIYTTLVGLLNARNY
NFGGEFVEAMIRQLKESLKANNYNEAVYLVRFLSDLVNCHVIAAPSMVAMFENFVSVTQEEDVPQVRRDWYVYAFLSSLP
WVGKELYEKKDAEMDRIFANTESYLKRRQKTHVPMLQVWTADKPHPQEEYLDCLWAQIQKLKKDRWQERHILRPYLAFDS
ILCEALQHNLPPFTPPPHTEDSVYPMPRVIFRMFDYTDDPEGPVMPGSHSVERFVIEENLHCIIKSHWKERKTCAAQLVS
YPGKNKIPLNYHIVEVIFAELFQLPAPPHIDVMYTTLLIELCKLQPGSLPQVLAQATEMLYMRLDTMNTTCVDRFINWFS
HHLSNFQFRWSWEDWSDCLSQDPESPKPKFVREVLEKCMRLSYHQRILDIVPPTFSALCPANPTCIYKYGDESSNSLPGH
SVALCLAVAFKSKATNDEIFSILKDVPNPNQDDDDDEGFSFNPLKIEVFVQTLLHLAAKSFSHSFSALAKFHEVFKTLAE
SDEGKLHVLRVMFEVWRNHPQMIAVLVDKMIRTQIVDCAAVANWIFSSELSRDFTRLFVWEILHSTIRKMNKHVLKIQKE
LEEAKEKLARQHKRRSDDDDRSSDRKDGVLEEQIERLQEKVESAQSEQKNLFLVIFQRFIMILTEHLVRCETDGTSVLTP
WYKNCIERLQQIFLQHHQIIQQYMVTLENLLFTAELDPHILAVFQQFCALQA
;
A
2 'polypeptide(L)'
;MSGGLLKALRSDSYVELSQYRDQHFRGDNEEQEKLLKKSCTLYVGNLSFYTTEEQIYELFSKSGDIKKIIMGLDKMKKTA
CGFCFVEYYSRADAENAMRYINGTRLDDRIIRTDWDAGFKEGRQYGRGRSGGQVRDEYRQDYDAGRGGYGKLAQNQ
;
B
3 'polypeptide(L)'
;MALEVGDMEDGQLSDSDSDMTVAPSDRPLQLPKVLGGDSAMRAFQNTATACAPVSHYRAVESVDSSEESFSDSDDDSCLW
KRKRQKCFNPPPKPEPFQFGQSSQKPPVAGGKKINNIWGAVLQEQNQDAVATELGILGMEGTIDRSRQSETYNYLLAKKL
RKESQEHTKDLDKELDEYMHGGKKMGSKEEENGQGHLKRKRPVKDRLGNRPEMNYKGRYEITAEDSQEKVADEISFRLQE
PKKDLIARVVRIIGNKKAIELLMETAEVEQNGGLFIMNGSRRRTPGGVFLNLLKNTPSISEEQIKDIFYIENQKEYENKK
AARKRRTQVLGKKMKQAIKSLNFQEDDDTSRETFASDTNEALASLDESQEGHAEAKLEAEEAIEVDHSHDLDIF
;
C,D
#
loop_
_chem_comp.id
_chem_comp.type
_chem_comp.name
_chem_comp.formula
MGT non-polymer 7N-METHYL-8-HYDROGUANOSINE-5'-TRIPHOSPHATE 'C11 H20 N5 O14 P3'
#
# COMPACT_ATOMS: atom_id res chain seq x y z
N GLU A 8 26.90 24.67 -8.79
CA GLU A 8 27.17 24.88 -7.38
C GLU A 8 26.27 26.00 -6.82
N THR A 9 26.10 27.06 -7.60
CA THR A 9 25.23 28.16 -7.17
C THR A 9 23.80 27.66 -6.95
N GLU A 10 23.26 26.92 -7.92
CA GLU A 10 21.87 26.47 -7.80
C GLU A 10 21.70 25.54 -6.60
N ASP A 11 22.64 24.62 -6.41
CA ASP A 11 22.52 23.67 -5.31
C ASP A 11 22.74 24.35 -3.97
N HIS A 12 23.58 25.37 -3.92
CA HIS A 12 23.73 26.15 -2.70
C HIS A 12 22.44 26.87 -2.34
N LEU A 13 21.80 27.49 -3.35
CA LEU A 13 20.52 28.16 -3.10
C LEU A 13 19.47 27.16 -2.64
N GLU A 14 19.42 25.99 -3.28
CA GLU A 14 18.44 24.97 -2.89
C GLU A 14 18.68 24.51 -1.45
N SER A 15 19.93 24.26 -1.09
CA SER A 15 20.22 23.83 0.29
C SER A 15 19.85 24.92 1.29
N LEU A 16 20.16 26.19 0.96
CA LEU A 16 19.78 27.29 1.84
C LEU A 16 18.27 27.35 2.03
N ILE A 17 17.52 27.28 0.94
CA ILE A 17 16.06 27.42 1.04
C ILE A 17 15.47 26.27 1.83
N CYS A 18 15.94 25.04 1.58
CA CYS A 18 15.38 23.88 2.27
C CYS A 18 15.80 23.84 3.74
N LYS A 19 16.99 24.34 4.05
CA LYS A 19 17.49 24.25 5.42
C LYS A 19 16.64 25.05 6.40
N VAL A 20 15.97 26.10 5.93
CA VAL A 20 15.44 27.11 6.85
C VAL A 20 14.23 26.52 7.57
N GLY A 21 14.27 26.53 8.90
CA GLY A 21 13.20 26.01 9.74
C GLY A 21 13.53 24.70 10.42
N GLU A 22 14.67 24.09 10.12
CA GLU A 22 15.06 22.84 10.75
C GLU A 22 15.94 23.12 11.95
N LYS A 23 16.60 22.08 12.46
CA LYS A 23 17.51 22.21 13.60
C LYS A 23 18.46 23.38 13.40
N SER A 24 18.38 24.38 14.28
CA SER A 24 19.23 25.55 14.20
C SER A 24 19.40 26.16 15.57
N ALA A 25 20.60 26.68 15.85
CA ALA A 25 20.86 27.33 17.12
C ALA A 25 20.19 28.69 17.24
N CYS A 26 19.75 29.25 16.12
CA CYS A 26 19.09 30.55 16.09
C CYS A 26 17.60 30.38 15.90
N SER A 27 16.86 31.44 16.21
CA SER A 27 15.41 31.40 16.07
C SER A 27 15.01 31.36 14.59
N LEU A 28 13.73 31.13 14.34
CA LEU A 28 13.24 31.05 12.97
C LEU A 28 13.27 32.41 12.29
N GLU A 29 12.92 33.47 13.02
CA GLU A 29 12.93 34.81 12.42
C GLU A 29 14.31 35.20 11.93
N SER A 30 15.34 34.92 12.74
CA SER A 30 16.70 35.25 12.32
C SER A 30 17.09 34.50 11.05
N ASN A 31 16.74 33.21 10.98
CA ASN A 31 17.04 32.44 9.78
C ASN A 31 16.32 33.01 8.56
N LEU A 32 15.04 33.38 8.74
CA LEU A 32 14.30 33.96 7.62
C LEU A 32 14.93 35.26 7.15
N GLU A 33 15.31 36.13 8.09
CA GLU A 33 15.94 37.39 7.70
C GLU A 33 17.25 37.15 6.98
N GLY A 34 18.08 36.24 7.49
CA GLY A 34 19.33 35.92 6.82
C GLY A 34 19.12 35.40 5.41
N LEU A 35 18.23 34.42 5.26
CA LEU A 35 17.94 33.89 3.93
C LEU A 35 17.43 34.97 3.00
N ALA A 36 16.51 35.82 3.49
CA ALA A 36 16.01 36.93 2.68
C ALA A 36 17.15 37.79 2.18
N GLY A 37 18.02 38.24 3.08
CA GLY A 37 19.17 39.03 2.66
C GLY A 37 20.01 38.33 1.62
N VAL A 38 20.36 37.06 1.89
CA VAL A 38 21.19 36.31 0.95
C VAL A 38 20.54 36.29 -0.43
N LEU A 39 19.25 35.95 -0.49
CA LEU A 39 18.56 35.91 -1.77
C LEU A 39 18.59 37.28 -2.43
N GLU A 40 18.40 38.35 -1.66
CA GLU A 40 18.43 39.69 -2.23
C GLU A 40 19.78 39.96 -2.87
N ALA A 41 20.85 39.44 -2.27
CA ALA A 41 22.17 39.60 -2.87
C ALA A 41 22.25 38.87 -4.20
N ASP A 42 21.72 37.65 -4.27
CA ASP A 42 21.76 36.82 -5.47
C ASP A 42 20.54 37.04 -6.37
N LEU A 43 19.80 38.15 -6.20
CA LEU A 43 18.62 38.36 -7.04
C LEU A 43 18.98 38.74 -8.46
N PRO A 44 19.88 39.70 -8.72
CA PRO A 44 20.06 40.17 -10.11
C PRO A 44 20.66 39.14 -11.04
N ASN A 45 21.34 38.12 -10.53
CA ASN A 45 21.98 37.12 -11.37
C ASN A 45 21.29 35.76 -11.38
N TYR A 46 20.34 35.52 -10.48
CA TYR A 46 19.63 34.25 -10.41
C TYR A 46 18.16 34.48 -10.14
N LYS A 47 17.57 35.48 -10.80
CA LYS A 47 16.16 35.79 -10.57
C LYS A 47 15.26 34.62 -10.96
N SER A 48 15.47 34.07 -12.15
CA SER A 48 14.64 32.95 -12.60
C SER A 48 14.90 31.71 -11.75
N LYS A 49 16.17 31.47 -11.41
CA LYS A 49 16.50 30.32 -10.57
C LYS A 49 15.77 30.40 -9.23
N ILE A 50 15.87 31.56 -8.57
CA ILE A 50 15.22 31.74 -7.28
C ILE A 50 13.71 31.59 -7.42
N LEU A 51 13.13 32.22 -8.44
CA LEU A 51 11.70 32.10 -8.68
C LEU A 51 11.29 30.63 -8.78
N ARG A 52 11.99 29.86 -9.61
CA ARG A 52 11.65 28.45 -9.79
C ARG A 52 11.81 27.69 -8.48
N LEU A 53 12.91 27.92 -7.76
CA LEU A 53 13.12 27.21 -6.50
C LEU A 53 12.01 27.51 -5.50
N LEU A 54 11.59 28.78 -5.43
CA LEU A 54 10.53 29.14 -4.49
C LEU A 54 9.20 28.53 -4.89
N CYS A 55 8.89 28.51 -6.19
CA CYS A 55 7.66 27.87 -6.62
C CYS A 55 7.70 26.37 -6.39
N THR A 56 8.90 25.79 -6.38
CA THR A 56 9.02 24.36 -6.13
C THR A 56 8.81 24.07 -4.65
N VAL A 57 9.49 24.81 -3.77
CA VAL A 57 9.32 24.53 -2.36
C VAL A 57 7.88 24.85 -1.94
N ALA A 58 7.25 25.84 -2.59
CA ALA A 58 5.86 26.14 -2.32
C ALA A 58 4.95 25.00 -2.74
N ARG A 59 5.29 24.32 -3.85
CA ARG A 59 4.41 23.30 -4.39
C ARG A 59 4.66 21.92 -3.80
N LEU A 60 5.86 21.64 -3.31
CA LEU A 60 6.21 20.31 -2.82
C LEU A 60 6.46 20.22 -1.32
N LEU A 61 6.33 21.32 -0.58
CA LEU A 61 6.55 21.32 0.87
C LEU A 61 5.41 22.01 1.61
N PRO A 62 4.18 21.48 1.54
CA PRO A 62 3.08 22.13 2.26
C PRO A 62 3.27 22.18 3.76
N GLU A 63 4.04 21.25 4.33
CA GLU A 63 4.16 21.17 5.78
C GLU A 63 4.95 22.32 6.38
N LYS A 64 5.56 23.16 5.54
CA LYS A 64 6.25 24.38 5.98
C LYS A 64 5.65 25.60 5.30
N LEU A 65 4.43 25.47 4.80
CA LEU A 65 3.79 26.50 3.99
C LEU A 65 4.01 27.91 4.56
N THR A 66 3.59 28.12 5.81
CA THR A 66 3.64 29.46 6.36
C THR A 66 5.05 30.01 6.35
N ILE A 67 6.03 29.17 6.70
CA ILE A 67 7.42 29.62 6.70
C ILE A 67 7.79 30.16 5.34
N TYR A 68 7.48 29.40 4.29
CA TYR A 68 7.90 29.82 2.95
C TYR A 68 7.13 31.03 2.47
N THR A 69 6.01 31.35 3.11
CA THR A 69 5.32 32.59 2.76
C THR A 69 5.98 33.79 3.43
N THR A 70 6.52 33.61 4.64
CA THR A 70 7.16 34.72 5.31
C THR A 70 8.37 35.20 4.52
N LEU A 71 9.15 34.26 3.98
CA LEU A 71 10.24 34.63 3.08
C LEU A 71 9.70 35.48 1.94
N VAL A 72 8.63 35.02 1.31
CA VAL A 72 8.07 35.78 0.19
C VAL A 72 7.53 37.10 0.69
N GLY A 73 7.09 37.16 1.94
CA GLY A 73 6.62 38.42 2.49
C GLY A 73 7.74 39.41 2.71
N LEU A 74 8.96 38.91 2.93
CA LEU A 74 10.10 39.79 3.12
C LEU A 74 10.66 40.27 1.78
N LEU A 75 10.83 39.35 0.83
CA LEU A 75 11.37 39.74 -0.47
C LEU A 75 10.47 40.76 -1.15
N ASN A 76 9.16 40.60 -1.04
CA ASN A 76 8.26 41.61 -1.58
C ASN A 76 8.49 42.96 -0.93
N ALA A 77 8.70 42.97 0.39
CA ALA A 77 9.00 44.22 1.08
C ALA A 77 10.30 44.84 0.57
N ARG A 78 11.20 44.03 0.00
CA ARG A 78 12.46 44.52 -0.52
C ARG A 78 12.43 44.82 -2.01
N ASN A 79 11.67 44.06 -2.81
CA ASN A 79 11.66 44.21 -4.26
C ASN A 79 10.23 43.97 -4.77
N TYR A 80 9.47 45.05 -4.90
CA TYR A 80 8.12 44.96 -5.45
C TYR A 80 8.09 44.15 -6.74
N ASN A 81 8.99 44.48 -7.67
CA ASN A 81 9.07 43.76 -8.94
C ASN A 81 9.17 42.26 -8.71
N PHE A 82 10.08 41.86 -7.82
CA PHE A 82 10.24 40.43 -7.52
C PHE A 82 8.93 39.81 -7.08
N GLY A 83 8.26 40.44 -6.10
CA GLY A 83 6.97 39.94 -5.67
C GLY A 83 5.99 39.76 -6.81
N GLY A 84 5.87 40.78 -7.67
CA GLY A 84 4.94 40.68 -8.79
C GLY A 84 5.27 39.53 -9.71
N GLU A 85 6.55 39.39 -10.06
CA GLU A 85 6.95 38.28 -10.91
C GLU A 85 6.66 36.95 -10.23
N PHE A 86 6.91 36.86 -8.92
CA PHE A 86 6.63 35.64 -8.17
C PHE A 86 5.16 35.26 -8.25
N VAL A 87 4.27 36.22 -8.02
CA VAL A 87 2.84 35.90 -8.04
C VAL A 87 2.40 35.55 -9.46
N GLU A 88 2.98 36.19 -10.48
CA GLU A 88 2.67 35.81 -11.84
C GLU A 88 3.10 34.37 -12.10
N ALA A 89 4.30 34.01 -11.65
CA ALA A 89 4.78 32.64 -11.84
C ALA A 89 3.92 31.65 -11.07
N MET A 90 3.42 32.06 -9.90
CA MET A 90 2.58 31.17 -9.11
C MET A 90 1.22 30.96 -9.78
N ILE A 91 0.71 31.99 -10.47
CA ILE A 91 -0.55 31.81 -11.17
C ILE A 91 -0.34 30.97 -12.42
N ARG A 92 0.85 31.07 -13.03
CA ARG A 92 1.14 30.22 -14.18
C ARG A 92 1.27 28.77 -13.75
N GLN A 93 1.98 28.53 -12.66
CA GLN A 93 2.10 27.19 -12.10
C GLN A 93 0.73 26.63 -11.74
N LEU A 94 -0.14 27.46 -11.16
CA LEU A 94 -1.48 26.99 -10.81
C LEU A 94 -2.26 26.61 -12.06
N LYS A 95 -2.22 27.44 -13.10
CA LYS A 95 -2.94 27.10 -14.33
C LYS A 95 -2.39 25.83 -14.97
N GLU A 96 -1.07 25.62 -14.87
CA GLU A 96 -0.50 24.41 -15.47
C GLU A 96 -0.86 23.18 -14.65
N SER A 97 -0.88 23.30 -13.32
CA SER A 97 -1.29 22.19 -12.49
C SER A 97 -2.76 21.85 -12.68
N LEU A 98 -3.57 22.86 -13.01
CA LEU A 98 -4.99 22.58 -13.25
C LEU A 98 -5.20 21.94 -14.62
N LYS A 99 -4.52 22.44 -15.65
CA LYS A 99 -4.61 21.80 -16.96
C LYS A 99 -3.98 20.42 -16.97
N ALA A 100 -3.08 20.14 -16.02
CA ALA A 100 -2.40 18.86 -15.91
C ALA A 100 -3.21 17.85 -15.12
N ASN A 101 -4.09 18.31 -14.23
CA ASN A 101 -4.93 17.49 -13.35
C ASN A 101 -4.15 17.15 -12.08
N ASN A 102 -3.30 18.08 -11.65
CA ASN A 102 -2.51 17.92 -10.44
C ASN A 102 -3.14 18.76 -9.33
N TYR A 103 -4.36 18.37 -8.95
CA TYR A 103 -5.16 19.20 -8.08
C TYR A 103 -4.64 19.26 -6.65
N ASN A 104 -3.88 18.27 -6.19
CA ASN A 104 -3.26 18.38 -4.88
C ASN A 104 -2.25 19.52 -4.87
N GLU A 105 -1.35 19.53 -5.85
CA GLU A 105 -0.42 20.64 -6.00
C GLU A 105 -1.17 21.95 -6.15
N ALA A 106 -2.26 21.95 -6.93
CA ALA A 106 -3.03 23.18 -7.13
C ALA A 106 -3.62 23.69 -5.83
N VAL A 107 -4.08 22.78 -4.96
CA VAL A 107 -4.66 23.25 -3.70
C VAL A 107 -3.57 23.74 -2.77
N TYR A 108 -2.39 23.12 -2.81
CA TYR A 108 -1.28 23.66 -2.03
C TYR A 108 -0.89 25.04 -2.51
N LEU A 109 -0.89 25.25 -3.83
CA LEU A 109 -0.62 26.59 -4.38
C LEU A 109 -1.67 27.59 -3.93
N VAL A 110 -2.95 27.20 -3.96
CA VAL A 110 -4.01 28.10 -3.51
C VAL A 110 -3.80 28.45 -2.04
N ARG A 111 -3.37 27.47 -1.24
CA ARG A 111 -3.10 27.74 0.17
C ARG A 111 -1.95 28.72 0.30
N PHE A 112 -0.93 28.57 -0.54
CA PHE A 112 0.21 29.48 -0.51
C PHE A 112 -0.24 30.91 -0.82
N LEU A 113 -1.06 31.08 -1.86
CA LEU A 113 -1.56 32.42 -2.18
C LEU A 113 -2.40 32.97 -1.04
N SER A 114 -3.26 32.14 -0.45
CA SER A 114 -4.12 32.60 0.63
C SER A 114 -3.29 33.09 1.80
N ASP A 115 -2.27 32.33 2.19
CA ASP A 115 -1.43 32.77 3.30
C ASP A 115 -0.50 33.90 2.90
N LEU A 116 -0.23 34.08 1.60
CA LEU A 116 0.52 35.22 1.13
C LEU A 116 -0.28 36.50 1.23
N VAL A 117 -1.61 36.38 1.21
CA VAL A 117 -2.46 37.53 1.48
C VAL A 117 -2.23 38.05 2.89
N ASN A 118 -1.86 37.18 3.82
CA ASN A 118 -1.61 37.60 5.20
C ASN A 118 -0.29 38.33 5.37
N CYS A 119 0.63 38.21 4.41
CA CYS A 119 1.92 38.89 4.48
C CYS A 119 1.94 40.20 3.71
N HIS A 120 0.78 40.70 3.29
CA HIS A 120 0.67 41.96 2.57
C HIS A 120 1.35 41.91 1.21
N VAL A 121 1.52 40.70 0.66
CA VAL A 121 2.00 40.57 -0.70
C VAL A 121 0.85 40.73 -1.69
N ILE A 122 -0.27 40.04 -1.44
CA ILE A 122 -1.44 40.08 -2.30
C ILE A 122 -2.51 40.89 -1.59
N ALA A 123 -3.12 41.84 -2.32
CA ALA A 123 -4.22 42.60 -1.76
C ALA A 123 -5.42 41.70 -1.49
N ALA A 124 -6.06 41.92 -0.35
CA ALA A 124 -7.19 41.07 0.02
C ALA A 124 -8.32 41.09 -1.02
N PRO A 125 -8.72 42.22 -1.58
CA PRO A 125 -9.86 42.20 -2.53
C PRO A 125 -9.62 41.28 -3.72
N SER A 126 -8.39 41.22 -4.23
CA SER A 126 -8.12 40.36 -5.37
C SER A 126 -8.32 38.90 -5.01
N MET A 127 -7.82 38.48 -3.83
CA MET A 127 -8.04 37.11 -3.39
C MET A 127 -9.52 36.84 -3.16
N VAL A 128 -10.24 37.83 -2.64
CA VAL A 128 -11.69 37.66 -2.44
C VAL A 128 -12.37 37.43 -3.78
N ALA A 129 -11.96 38.18 -4.82
CA ALA A 129 -12.52 37.96 -6.15
C ALA A 129 -12.18 36.57 -6.67
N MET A 130 -10.95 36.13 -6.44
CA MET A 130 -10.56 34.78 -6.86
C MET A 130 -11.44 33.73 -6.18
N PHE A 131 -11.68 33.90 -4.88
CA PHE A 131 -12.55 32.97 -4.16
C PHE A 131 -13.98 33.06 -4.67
N GLU A 132 -14.43 34.25 -5.07
CA GLU A 132 -15.76 34.37 -5.67
C GLU A 132 -15.84 33.56 -6.95
N ASN A 133 -14.78 33.61 -7.77
CA ASN A 133 -14.74 32.79 -8.98
C ASN A 133 -14.77 31.30 -8.63
N PHE A 134 -13.96 30.91 -7.64
CA PHE A 134 -13.95 29.51 -7.20
C PHE A 134 -15.35 29.06 -6.83
N VAL A 135 -16.03 29.82 -5.98
CA VAL A 135 -17.37 29.44 -5.55
C VAL A 135 -18.33 29.42 -6.74
N SER A 136 -18.24 30.43 -7.62
CA SER A 136 -19.09 30.46 -8.80
C SER A 136 -18.88 29.24 -9.68
N VAL A 137 -17.71 28.58 -9.56
CA VAL A 137 -17.54 27.30 -10.24
C VAL A 137 -18.67 26.35 -9.87
N THR A 138 -19.19 26.48 -8.65
CA THR A 138 -20.28 25.61 -8.21
C THR A 138 -21.55 25.86 -9.01
N GLN A 139 -21.69 27.04 -9.62
CA GLN A 139 -22.86 27.35 -10.42
C GLN A 139 -22.75 26.85 -11.85
N GLU A 140 -21.62 26.24 -12.22
CA GLU A 140 -21.46 25.71 -13.57
C GLU A 140 -22.46 24.59 -13.81
N GLU A 141 -22.86 24.44 -15.07
CA GLU A 141 -23.88 23.48 -15.46
C GLU A 141 -23.25 22.25 -16.09
N ASP A 142 -23.81 21.08 -15.78
CA ASP A 142 -23.41 19.82 -16.41
C ASP A 142 -21.91 19.56 -16.24
N VAL A 143 -21.38 19.86 -15.05
CA VAL A 143 -20.01 19.50 -14.71
C VAL A 143 -20.03 18.47 -13.59
N PRO A 144 -19.00 17.63 -13.48
CA PRO A 144 -19.01 16.62 -12.42
C PRO A 144 -18.96 17.25 -11.04
N GLN A 145 -19.67 16.64 -10.09
CA GLN A 145 -19.72 17.18 -8.74
C GLN A 145 -18.35 17.16 -8.07
N VAL A 146 -17.41 16.37 -8.57
CA VAL A 146 -16.08 16.35 -7.97
C VAL A 146 -15.35 17.66 -8.25
N ARG A 147 -15.56 18.24 -9.43
CA ARG A 147 -14.97 19.54 -9.74
C ARG A 147 -15.45 20.59 -8.76
N ARG A 148 -16.76 20.70 -8.59
CA ARG A 148 -17.32 21.66 -7.63
C ARG A 148 -16.80 21.39 -6.23
N ASP A 149 -16.81 20.11 -5.83
CA ASP A 149 -16.30 19.74 -4.51
C ASP A 149 -14.89 20.26 -4.31
N TRP A 150 -14.00 19.99 -5.25
CA TRP A 150 -12.61 20.42 -5.09
C TRP A 150 -12.50 21.94 -5.07
N TYR A 151 -13.24 22.64 -5.93
CA TYR A 151 -13.12 24.08 -5.97
C TYR A 151 -13.62 24.72 -4.67
N VAL A 152 -14.63 24.13 -4.04
CA VAL A 152 -15.07 24.63 -2.74
C VAL A 152 -14.09 24.23 -1.65
N TYR A 153 -13.53 23.01 -1.76
CA TYR A 153 -12.56 22.53 -0.80
C TYR A 153 -11.35 23.45 -0.74
N ALA A 154 -10.81 23.83 -1.89
CA ALA A 154 -9.67 24.73 -1.91
C ALA A 154 -9.94 25.97 -1.06
N PHE A 155 -11.04 26.65 -1.33
CA PHE A 155 -11.40 27.85 -0.57
C PHE A 155 -11.51 27.54 0.92
N LEU A 156 -12.30 26.53 1.28
CA LEU A 156 -12.53 26.26 2.69
C LEU A 156 -11.25 25.87 3.41
N SER A 157 -10.40 25.06 2.76
CA SER A 157 -9.13 24.65 3.34
C SER A 157 -8.16 25.82 3.48
N SER A 158 -8.22 26.77 2.56
CA SER A 158 -7.37 27.95 2.68
C SER A 158 -7.87 28.92 3.74
N LEU A 159 -9.18 28.88 4.04
CA LEU A 159 -9.74 29.81 5.01
C LEU A 159 -9.04 29.79 6.36
N PRO A 160 -8.69 28.65 6.95
CA PRO A 160 -8.02 28.67 8.26
C PRO A 160 -6.77 29.54 8.32
N TRP A 161 -6.24 29.99 7.19
CA TRP A 161 -5.01 30.78 7.18
C TRP A 161 -5.21 32.26 6.92
N VAL A 162 -6.27 32.66 6.20
CA VAL A 162 -6.43 34.06 5.82
C VAL A 162 -7.87 34.52 6.08
N GLY A 163 -8.63 33.71 6.82
CA GLY A 163 -10.04 34.02 7.04
C GLY A 163 -10.24 35.34 7.76
N LYS A 164 -9.46 35.56 8.83
CA LYS A 164 -9.57 36.80 9.58
C LYS A 164 -9.36 38.00 8.66
N GLU A 165 -8.29 37.98 7.87
CA GLU A 165 -7.98 39.10 6.98
C GLU A 165 -9.11 39.31 5.99
N LEU A 166 -9.54 38.23 5.32
CA LEU A 166 -10.58 38.37 4.31
C LEU A 166 -11.85 38.93 4.92
N TYR A 167 -12.22 38.46 6.12
CA TYR A 167 -13.47 38.92 6.70
C TYR A 167 -13.37 40.39 7.10
N GLU A 168 -12.29 40.76 7.80
CA GLU A 168 -12.17 42.14 8.25
C GLU A 168 -11.95 43.11 7.11
N LYS A 169 -11.63 42.62 5.91
CA LYS A 169 -11.48 43.51 4.77
C LYS A 169 -12.73 43.57 3.89
N LYS A 170 -13.37 42.44 3.62
CA LYS A 170 -14.50 42.39 2.69
C LYS A 170 -15.64 41.55 3.24
N ASP A 171 -16.04 41.82 4.49
CA ASP A 171 -17.06 40.99 5.13
C ASP A 171 -18.34 40.85 4.30
N ALA A 172 -18.70 41.86 3.51
CA ALA A 172 -19.92 41.77 2.71
C ALA A 172 -19.81 40.64 1.69
N GLU A 173 -18.81 40.71 0.82
CA GLU A 173 -18.60 39.65 -0.16
C GLU A 173 -18.27 38.31 0.51
N MET A 174 -17.63 38.35 1.68
CA MET A 174 -17.37 37.11 2.40
C MET A 174 -18.68 36.44 2.82
N ASP A 175 -19.63 37.23 3.31
CA ASP A 175 -20.93 36.69 3.68
C ASP A 175 -21.67 36.18 2.44
N ARG A 176 -21.58 36.89 1.33
CA ARG A 176 -22.18 36.40 0.10
C ARG A 176 -21.57 35.06 -0.32
N ILE A 177 -20.25 34.94 -0.22
CA ILE A 177 -19.56 33.71 -0.55
C ILE A 177 -20.03 32.58 0.35
N PHE A 178 -20.14 32.86 1.66
CA PHE A 178 -20.57 31.84 2.60
C PHE A 178 -22.00 31.40 2.32
N ALA A 179 -22.88 32.35 1.99
CA ALA A 179 -24.25 31.98 1.64
C ALA A 179 -24.28 31.09 0.42
N ASN A 180 -23.49 31.43 -0.60
CA ASN A 180 -23.44 30.59 -1.79
C ASN A 180 -22.90 29.20 -1.46
N THR A 181 -21.85 29.14 -0.64
CA THR A 181 -21.27 27.84 -0.27
C THR A 181 -22.27 26.99 0.49
N GLU A 182 -23.01 27.59 1.43
CA GLU A 182 -24.04 26.85 2.15
C GLU A 182 -25.13 26.37 1.19
N SER A 183 -25.59 27.25 0.30
CA SER A 183 -26.61 26.84 -0.66
C SER A 183 -26.15 25.67 -1.50
N TYR A 184 -24.86 25.62 -1.82
CA TYR A 184 -24.32 24.51 -2.59
C TYR A 184 -24.24 23.25 -1.73
N LEU A 185 -23.70 23.37 -0.51
CA LEU A 185 -23.47 22.20 0.33
C LEU A 185 -24.78 21.55 0.74
N LYS A 186 -25.85 22.34 0.88
CA LYS A 186 -27.14 21.78 1.23
C LYS A 186 -27.69 20.86 0.13
N ARG A 187 -27.21 20.99 -1.10
CA ARG A 187 -27.74 20.24 -2.24
C ARG A 187 -26.72 19.27 -2.80
N ARG A 188 -25.70 18.91 -2.04
CA ARG A 188 -24.70 17.96 -2.49
C ARG A 188 -25.23 16.53 -2.39
N GLN A 189 -24.52 15.61 -3.03
CA GLN A 189 -24.86 14.19 -3.02
C GLN A 189 -23.87 13.44 -2.14
N LYS A 190 -24.39 12.67 -1.20
CA LYS A 190 -23.58 11.94 -0.24
C LYS A 190 -23.61 10.43 -0.49
N THR A 191 -23.92 10.02 -1.73
CA THR A 191 -24.06 8.61 -2.03
C THR A 191 -22.77 7.83 -1.74
N HIS A 192 -21.63 8.50 -1.84
CA HIS A 192 -20.34 7.82 -1.74
C HIS A 192 -19.88 7.58 -0.31
N VAL A 193 -20.51 8.22 0.67
CA VAL A 193 -20.01 8.14 2.04
C VAL A 193 -19.97 6.70 2.54
N PRO A 194 -21.03 5.89 2.40
CA PRO A 194 -20.98 4.53 2.97
C PRO A 194 -19.83 3.69 2.45
N MET A 195 -19.46 3.84 1.17
CA MET A 195 -18.37 3.06 0.62
C MET A 195 -17.00 3.49 1.14
N LEU A 196 -16.91 4.67 1.77
CA LEU A 196 -15.63 5.21 2.20
C LEU A 196 -15.46 5.22 3.72
N GLN A 197 -16.54 5.08 4.47
CA GLN A 197 -16.44 5.10 5.92
C GLN A 197 -15.68 3.87 6.42
N VAL A 198 -14.72 4.10 7.31
CA VAL A 198 -14.04 2.98 7.95
C VAL A 198 -14.98 2.26 8.90
N TRP A 199 -15.79 3.00 9.64
CA TRP A 199 -16.78 2.44 10.55
C TRP A 199 -18.17 2.94 10.17
N THR A 200 -19.10 2.01 10.02
CA THR A 200 -20.49 2.37 9.72
C THR A 200 -21.27 2.80 10.94
N ALA A 201 -20.76 2.56 12.15
CA ALA A 201 -21.47 2.93 13.36
C ALA A 201 -21.35 4.44 13.59
N ASP A 202 -22.43 5.04 14.07
CA ASP A 202 -22.47 6.47 14.31
C ASP A 202 -21.88 6.87 15.65
N LYS A 203 -21.46 5.91 16.47
CA LYS A 203 -20.83 6.17 17.75
C LYS A 203 -19.58 5.31 17.89
N PRO A 204 -18.59 5.78 18.66
CA PRO A 204 -18.54 7.06 19.36
C PRO A 204 -17.99 8.19 18.50
N HIS A 205 -17.56 7.88 17.28
CA HIS A 205 -17.02 8.86 16.35
C HIS A 205 -17.63 8.66 14.97
N PRO A 206 -18.61 9.48 14.58
CA PRO A 206 -19.14 9.36 13.22
C PRO A 206 -18.06 9.68 12.19
N GLN A 207 -18.05 8.92 11.10
CA GLN A 207 -17.10 9.14 10.01
C GLN A 207 -17.78 9.99 8.93
N GLU A 208 -17.76 11.30 9.16
CA GLU A 208 -18.44 12.24 8.28
C GLU A 208 -17.54 12.62 7.11
N GLU A 209 -18.17 13.06 6.03
CA GLU A 209 -17.43 13.41 4.82
C GLU A 209 -16.51 14.60 5.07
N TYR A 210 -15.45 14.68 4.28
CA TYR A 210 -14.42 15.70 4.53
C TYR A 210 -14.98 17.11 4.35
N LEU A 211 -15.82 17.32 3.34
CA LEU A 211 -16.40 18.63 3.14
C LEU A 211 -17.31 19.02 4.30
N ASP A 212 -18.12 18.07 4.79
CA ASP A 212 -19.00 18.37 5.92
C ASP A 212 -18.18 18.73 7.15
N CYS A 213 -17.20 17.90 7.49
CA CYS A 213 -16.29 18.21 8.59
C CYS A 213 -15.69 19.61 8.43
N LEU A 214 -15.12 19.89 7.27
CA LEU A 214 -14.44 21.17 7.06
C LEU A 214 -15.41 22.33 7.18
N TRP A 215 -16.62 22.20 6.64
CA TRP A 215 -17.63 23.24 6.79
C TRP A 215 -17.96 23.48 8.25
N ALA A 216 -18.15 22.40 9.02
CA ALA A 216 -18.43 22.56 10.44
C ALA A 216 -17.29 23.27 11.14
N GLN A 217 -16.05 22.90 10.81
CA GLN A 217 -14.90 23.54 11.42
C GLN A 217 -14.83 25.02 11.09
N ILE A 218 -15.10 25.37 9.83
CA ILE A 218 -15.08 26.78 9.43
C ILE A 218 -16.19 27.54 10.13
N GLN A 219 -17.35 26.90 10.32
CA GLN A 219 -18.44 27.57 11.01
C GLN A 219 -18.10 27.82 12.47
N LYS A 220 -17.41 26.86 13.10
CA LYS A 220 -17.01 27.05 14.49
C LYS A 220 -15.91 28.10 14.60
N LEU A 221 -15.02 28.16 13.61
CA LEU A 221 -13.98 29.19 13.62
C LEU A 221 -14.59 30.57 13.42
N LYS A 222 -15.58 30.69 12.54
CA LYS A 222 -16.28 31.96 12.36
C LYS A 222 -17.01 32.36 13.63
N LYS A 223 -17.66 31.40 14.30
CA LYS A 223 -18.32 31.70 15.57
C LYS A 223 -17.31 32.14 16.63
N ASP A 224 -16.06 31.69 16.51
CA ASP A 224 -15.00 32.06 17.43
C ASP A 224 -14.25 33.32 17.01
N ARG A 225 -14.85 34.13 16.13
CA ARG A 225 -14.20 35.37 15.67
C ARG A 225 -12.87 35.06 15.00
N TRP A 226 -12.84 33.98 14.22
CA TRP A 226 -11.67 33.56 13.47
C TRP A 226 -10.37 33.61 14.28
N GLN A 227 -10.23 32.65 15.19
CA GLN A 227 -9.06 32.53 16.05
C GLN A 227 -8.81 31.03 16.18
N GLU A 228 -7.76 30.54 15.53
CA GLU A 228 -7.10 29.30 15.88
C GLU A 228 -5.80 29.56 16.63
N ARG A 229 -5.49 28.68 17.57
CA ARG A 229 -4.33 28.82 18.45
C ARG A 229 -3.27 27.77 18.15
N HIS A 230 -3.20 27.30 16.90
CA HIS A 230 -2.27 26.25 16.51
C HIS A 230 -1.30 26.68 15.42
N ILE A 231 -1.79 27.25 14.32
CA ILE A 231 -0.95 27.51 13.17
C ILE A 231 0.19 28.44 13.57
N LEU A 232 1.39 28.11 13.11
CA LEU A 232 2.54 28.98 13.32
C LEU A 232 2.56 30.07 12.26
N ARG A 233 2.77 31.31 12.69
CA ARG A 233 2.76 32.47 11.81
C ARG A 233 4.01 33.30 12.11
N PRO A 234 5.15 32.90 11.57
CA PRO A 234 6.38 33.68 11.83
C PRO A 234 6.28 35.13 11.38
N TYR A 235 5.49 35.41 10.35
CA TYR A 235 5.39 36.77 9.82
C TYR A 235 4.76 37.74 10.82
N LEU A 236 4.12 37.23 11.88
CA LEU A 236 3.58 38.14 12.89
C LEU A 236 4.68 38.96 13.53
N ALA A 237 5.82 38.34 13.83
CA ALA A 237 6.93 39.08 14.41
C ALA A 237 7.53 40.10 13.43
N PHE A 238 7.33 39.90 12.13
CA PHE A 238 7.80 40.82 11.12
C PHE A 238 6.77 41.88 10.75
N ASP A 239 5.61 41.88 11.40
CA ASP A 239 4.56 42.87 11.13
C ASP A 239 5.15 44.27 10.91
N SER A 240 6.08 44.67 11.78
CA SER A 240 6.63 46.02 11.70
C SER A 240 7.25 46.29 10.33
N ILE A 241 7.94 45.29 9.78
CA ILE A 241 8.52 45.45 8.45
C ILE A 241 7.52 45.18 7.34
N LEU A 242 6.47 44.41 7.62
CA LEU A 242 5.54 43.99 6.56
C LEU A 242 4.38 44.95 6.36
N CYS A 243 4.02 45.75 7.37
CA CYS A 243 2.86 46.62 7.22
C CYS A 243 3.06 47.62 6.10
N GLU A 244 4.26 48.19 6.00
CA GLU A 244 4.54 49.21 4.99
C GLU A 244 4.71 48.62 3.60
N ALA A 245 5.06 47.33 3.50
CA ALA A 245 5.29 46.72 2.21
C ALA A 245 4.07 46.87 1.30
N LEU A 246 4.32 47.06 0.02
CA LEU A 246 3.25 47.24 -0.96
C LEU A 246 2.60 45.90 -1.27
N GLN A 247 1.30 45.94 -1.55
CA GLN A 247 0.52 44.76 -1.88
C GLN A 247 0.29 44.68 -3.38
N HIS A 248 0.20 43.45 -3.88
CA HIS A 248 -0.05 43.18 -5.29
C HIS A 248 -1.49 42.73 -5.49
N ASN A 249 -1.95 42.89 -6.73
CA ASN A 249 -3.29 42.47 -7.13
C ASN A 249 -3.16 41.31 -8.11
N LEU A 250 -3.76 40.17 -7.76
CA LEU A 250 -3.72 39.02 -8.66
C LEU A 250 -4.54 39.32 -9.91
N PRO A 251 -4.08 38.89 -11.08
CA PRO A 251 -4.86 39.14 -12.30
C PRO A 251 -6.17 38.39 -12.25
N PRO A 252 -7.19 38.85 -12.97
CA PRO A 252 -8.47 38.13 -12.96
C PRO A 252 -8.30 36.67 -13.34
N PHE A 253 -8.70 35.77 -12.43
CA PHE A 253 -8.50 34.35 -12.61
C PHE A 253 -9.80 33.71 -13.08
N THR A 254 -9.71 32.89 -14.13
CA THR A 254 -10.82 32.12 -14.63
C THR A 254 -10.43 30.65 -14.63
N PRO A 255 -11.10 29.79 -13.86
CA PRO A 255 -10.70 28.38 -13.82
C PRO A 255 -10.78 27.75 -15.19
N PRO A 256 -9.87 26.82 -15.52
CA PRO A 256 -9.94 26.17 -16.82
C PRO A 256 -11.27 25.47 -17.03
N PRO A 257 -11.83 25.51 -18.22
CA PRO A 257 -13.12 24.86 -18.45
C PRO A 257 -13.02 23.35 -18.31
N HIS A 258 -14.16 22.74 -17.99
CA HIS A 258 -14.20 21.30 -17.83
C HIS A 258 -13.94 20.60 -19.15
N THR A 259 -13.17 19.51 -19.11
CA THR A 259 -12.85 18.71 -20.27
C THR A 259 -13.02 17.24 -19.93
N GLU A 260 -13.30 16.44 -20.96
CA GLU A 260 -13.53 15.02 -20.73
C GLU A 260 -12.32 14.35 -20.12
N ASP A 261 -11.11 14.70 -20.59
CA ASP A 261 -9.89 14.09 -20.08
C ASP A 261 -9.52 14.53 -18.68
N SER A 262 -10.14 15.58 -18.15
CA SER A 262 -9.77 16.06 -16.83
C SER A 262 -10.19 15.05 -15.76
N VAL A 263 -9.32 14.85 -14.78
CA VAL A 263 -9.53 13.91 -13.69
C VAL A 263 -9.34 14.65 -12.37
N TYR A 264 -10.36 14.60 -11.50
CA TYR A 264 -10.31 15.28 -10.22
C TYR A 264 -10.17 14.30 -9.07
N PRO A 265 -9.61 14.73 -7.93
CA PRO A 265 -9.49 13.80 -6.79
C PRO A 265 -10.86 13.33 -6.32
N MET A 266 -10.90 12.05 -5.93
CA MET A 266 -12.14 11.48 -5.42
C MET A 266 -12.38 11.92 -3.98
N PRO A 267 -13.65 12.03 -3.57
CA PRO A 267 -13.95 12.42 -2.19
C PRO A 267 -13.45 11.40 -1.19
N ARG A 268 -13.10 11.88 0.00
CA ARG A 268 -12.60 11.04 1.08
C ARG A 268 -13.42 11.30 2.33
N VAL A 269 -13.27 10.40 3.30
CA VAL A 269 -14.02 10.46 4.56
C VAL A 269 -13.01 10.56 5.70
N ILE A 270 -13.21 11.55 6.58
CA ILE A 270 -12.31 11.74 7.71
C ILE A 270 -12.33 10.52 8.61
N PHE A 271 -11.14 10.06 9.00
CA PHE A 271 -10.99 8.91 9.88
C PHE A 271 -10.80 9.41 11.30
N ARG A 272 -11.84 9.27 12.13
CA ARG A 272 -11.79 9.70 13.52
C ARG A 272 -11.88 8.47 14.41
N MET A 273 -10.97 8.36 15.37
CA MET A 273 -11.00 7.26 16.33
C MET A 273 -10.70 7.66 17.78
N PHE A 274 -10.14 8.82 18.05
CA PHE A 274 -9.76 9.23 19.40
C PHE A 274 -10.72 10.27 19.93
N ASP A 275 -10.44 10.73 21.16
CA ASP A 275 -11.25 11.73 21.84
C ASP A 275 -10.45 12.27 23.01
N TYR A 276 -10.80 13.49 23.42
CA TYR A 276 -10.05 14.14 24.50
C TYR A 276 -10.08 13.31 25.77
N THR A 277 -11.16 12.53 25.98
CA THR A 277 -11.25 11.69 27.15
C THR A 277 -10.22 10.56 27.15
N ASP A 278 -9.62 10.26 25.99
CA ASP A 278 -8.65 9.20 25.89
C ASP A 278 -7.28 9.59 26.44
N ASP A 279 -7.06 10.88 26.73
CA ASP A 279 -5.80 11.37 27.30
C ASP A 279 -6.13 12.26 28.49
N PRO A 280 -6.56 11.67 29.62
CA PRO A 280 -6.92 12.49 30.78
C PRO A 280 -5.74 13.16 31.45
N GLU A 281 -4.52 12.91 31.00
CA GLU A 281 -3.32 13.49 31.61
C GLU A 281 -2.61 14.48 30.71
N GLY A 282 -2.61 14.26 29.40
CA GLY A 282 -1.93 15.13 28.48
C GLY A 282 -2.74 16.37 28.16
N PRO A 283 -2.22 17.18 27.25
CA PRO A 283 -2.95 18.39 26.85
C PRO A 283 -4.29 18.04 26.22
N VAL A 284 -5.26 18.93 26.43
CA VAL A 284 -6.60 18.69 25.91
C VAL A 284 -6.53 18.54 24.40
N MET A 285 -6.91 17.37 23.90
CA MET A 285 -6.89 17.13 22.47
C MET A 285 -7.90 18.02 21.77
N PRO A 286 -7.53 18.63 20.63
CA PRO A 286 -8.50 19.47 19.93
C PRO A 286 -9.74 18.68 19.53
N GLY A 287 -10.89 19.35 19.57
CA GLY A 287 -12.14 18.67 19.28
C GLY A 287 -12.21 18.21 17.83
N SER A 288 -13.10 17.24 17.60
CA SER A 288 -13.24 16.66 16.27
C SER A 288 -13.69 17.69 15.25
N HIS A 289 -14.31 18.79 15.70
CA HIS A 289 -14.79 19.84 14.81
C HIS A 289 -13.99 21.13 14.96
N SER A 290 -12.81 21.06 15.58
CA SER A 290 -11.94 22.22 15.70
C SER A 290 -10.99 22.30 14.50
N VAL A 291 -10.82 23.50 13.96
CA VAL A 291 -9.96 23.68 12.80
C VAL A 291 -8.52 23.31 13.13
N GLU A 292 -8.12 23.43 14.39
CA GLU A 292 -6.78 23.03 14.78
C GLU A 292 -6.57 21.55 14.50
N ARG A 293 -7.59 20.73 14.76
CA ARG A 293 -7.47 19.31 14.48
C ARG A 293 -7.25 19.06 13.00
N PHE A 294 -8.01 19.77 12.14
CA PHE A 294 -7.84 19.60 10.70
C PHE A 294 -6.44 20.00 10.26
N VAL A 295 -5.93 21.11 10.80
CA VAL A 295 -4.58 21.55 10.41
C VAL A 295 -3.55 20.52 10.86
N ILE A 296 -3.73 19.97 12.06
CA ILE A 296 -2.78 18.98 12.57
C ILE A 296 -2.77 17.75 11.67
N GLU A 297 -3.94 17.23 11.34
CA GLU A 297 -4.00 16.04 10.49
C GLU A 297 -3.42 16.33 9.11
N GLU A 298 -3.70 17.52 8.56
CA GLU A 298 -3.18 17.84 7.24
C GLU A 298 -1.66 17.93 7.25
N ASN A 299 -1.10 18.60 8.27
CA ASN A 299 0.34 18.72 8.36
C ASN A 299 1.00 17.35 8.53
N LEU A 300 0.42 16.50 9.37
CA LEU A 300 0.99 15.16 9.55
C LEU A 300 0.92 14.35 8.26
N HIS A 301 -0.19 14.44 7.53
CA HIS A 301 -0.31 13.74 6.25
C HIS A 301 0.75 14.23 5.28
N CYS A 302 0.97 15.54 5.20
CA CYS A 302 2.00 16.07 4.30
C CYS A 302 3.38 15.60 4.72
N ILE A 303 3.66 15.58 6.03
CA ILE A 303 4.96 15.11 6.50
C ILE A 303 5.17 13.66 6.11
N ILE A 304 4.13 12.83 6.24
CA ILE A 304 4.27 11.42 5.87
C ILE A 304 4.47 11.29 4.36
N LYS A 305 3.77 12.10 3.57
CA LYS A 305 3.85 12.00 2.13
C LYS A 305 5.15 12.57 1.57
N SER A 306 5.84 13.41 2.34
CA SER A 306 7.09 14.02 1.88
C SER A 306 8.31 13.20 2.25
N HIS A 307 8.19 12.24 3.17
CA HIS A 307 9.32 11.45 3.63
C HIS A 307 8.97 9.97 3.69
N TRP A 308 8.11 9.51 2.78
CA TRP A 308 7.65 8.13 2.86
C TRP A 308 8.73 7.12 2.49
N LYS A 309 9.89 7.58 1.99
CA LYS A 309 10.95 6.66 1.61
C LYS A 309 11.84 6.35 2.80
N GLU A 310 12.24 7.38 3.55
CA GLU A 310 13.13 7.24 4.70
C GLU A 310 12.29 7.06 5.96
N ARG A 311 12.08 5.82 6.38
CA ARG A 311 11.19 5.60 7.51
C ARG A 311 11.76 6.22 8.78
N LYS A 312 13.08 6.15 8.98
CA LYS A 312 13.69 6.76 10.15
C LYS A 312 13.46 8.27 10.14
N THR A 313 13.74 8.91 9.00
CA THR A 313 13.55 10.35 8.90
C THR A 313 12.09 10.73 9.04
N CYS A 314 11.19 9.91 8.48
CA CYS A 314 9.77 10.18 8.63
C CYS A 314 9.37 10.16 10.10
N ALA A 315 9.85 9.16 10.84
CA ALA A 315 9.53 9.08 12.27
C ALA A 315 10.11 10.28 13.01
N ALA A 316 11.34 10.66 12.68
CA ALA A 316 11.96 11.80 13.34
C ALA A 316 11.17 13.08 13.08
N GLN A 317 10.72 13.29 11.85
CA GLN A 317 9.93 14.48 11.54
C GLN A 317 8.59 14.45 12.27
N LEU A 318 7.93 13.29 12.29
CA LEU A 318 6.64 13.20 12.97
C LEU A 318 6.78 13.51 14.45
N VAL A 319 7.80 12.94 15.10
CA VAL A 319 7.93 13.13 16.55
C VAL A 319 8.25 14.58 16.88
N SER A 320 9.00 15.27 16.01
CA SER A 320 9.41 16.64 16.25
C SER A 320 8.51 17.64 15.53
N TYR A 321 7.22 17.33 15.41
CA TYR A 321 6.30 18.25 14.76
C TYR A 321 6.02 19.44 15.68
N PRO A 322 6.22 20.67 15.22
CA PRO A 322 6.00 21.84 16.08
C PRO A 322 4.55 22.32 16.04
N GLY A 323 4.18 23.07 17.07
CA GLY A 323 2.85 23.63 17.16
C GLY A 323 2.84 24.84 18.07
N LYS A 324 1.87 25.72 17.84
CA LYS A 324 1.74 26.92 18.66
C LYS A 324 1.49 26.57 20.12
N ASN A 325 0.67 25.54 20.36
CA ASN A 325 0.34 25.10 21.70
C ASN A 325 0.54 23.59 21.81
N LYS A 326 0.97 23.15 22.98
CA LYS A 326 1.26 21.74 23.19
C LYS A 326 0.00 20.89 22.99
N ILE A 327 0.18 19.75 22.34
CA ILE A 327 -0.92 18.84 22.02
C ILE A 327 -0.44 17.40 22.21
N PRO A 328 -1.37 16.46 22.36
CA PRO A 328 -0.96 15.06 22.48
C PRO A 328 -0.47 14.51 21.15
N LEU A 329 0.79 14.80 20.83
CA LEU A 329 1.30 14.51 19.49
C LEU A 329 1.38 13.01 19.23
N ASN A 330 1.58 12.20 20.26
CA ASN A 330 1.65 10.75 20.05
C ASN A 330 0.32 10.22 19.53
N TYR A 331 -0.77 10.61 20.18
CA TYR A 331 -2.09 10.17 19.75
C TYR A 331 -2.40 10.65 18.35
N HIS A 332 -2.04 11.91 18.04
CA HIS A 332 -2.29 12.43 16.70
C HIS A 332 -1.51 11.67 15.65
N ILE A 333 -0.23 11.36 15.93
CA ILE A 333 0.57 10.61 14.96
C ILE A 333 -0.03 9.23 14.74
N VAL A 334 -0.41 8.55 15.83
CA VAL A 334 -0.99 7.21 15.68
C VAL A 334 -2.28 7.28 14.87
N GLU A 335 -3.12 8.28 15.15
CA GLU A 335 -4.38 8.42 14.43
C GLU A 335 -4.14 8.67 12.96
N VAL A 336 -3.18 9.54 12.63
CA VAL A 336 -2.93 9.87 11.23
C VAL A 336 -2.35 8.67 10.49
N ILE A 337 -1.50 7.89 11.17
CA ILE A 337 -0.91 6.71 10.54
C ILE A 337 -1.99 5.67 10.27
N PHE A 338 -2.88 5.46 11.25
CA PHE A 338 -3.97 4.52 11.02
C PHE A 338 -4.93 5.01 9.96
N ALA A 339 -5.15 6.33 9.88
CA ALA A 339 -6.02 6.88 8.86
C ALA A 339 -5.45 6.65 7.47
N GLU A 340 -4.14 6.86 7.30
CA GLU A 340 -3.51 6.54 6.02
C GLU A 340 -3.60 5.05 5.74
N LEU A 341 -3.32 4.22 6.75
CA LEU A 341 -3.35 2.78 6.54
C LEU A 341 -4.75 2.30 6.18
N PHE A 342 -5.76 2.83 6.89
CA PHE A 342 -7.14 2.39 6.72
C PHE A 342 -7.91 3.26 5.74
N GLN A 343 -7.22 4.04 4.90
CA GLN A 343 -7.90 4.93 3.97
C GLN A 343 -8.30 4.17 2.71
N LEU A 344 -9.47 4.51 2.19
CA LEU A 344 -10.05 3.89 1.02
C LEU A 344 -10.02 4.88 -0.15
N PRO A 345 -9.80 4.42 -1.39
CA PRO A 345 -9.69 3.04 -1.87
C PRO A 345 -8.42 2.31 -1.45
N ALA A 346 -7.29 3.00 -1.43
CA ALA A 346 -6.02 2.40 -1.09
C ALA A 346 -5.18 3.43 -0.34
N PRO A 347 -4.22 2.96 0.47
CA PRO A 347 -3.34 3.90 1.18
C PRO A 347 -2.45 4.63 0.19
N PRO A 348 -1.94 5.80 0.56
CA PRO A 348 -1.01 6.50 -0.35
C PRO A 348 0.22 5.69 -0.70
N HIS A 349 0.64 4.76 0.16
CA HIS A 349 1.86 3.99 -0.07
C HIS A 349 1.67 2.56 0.41
N ILE A 350 2.65 1.72 0.06
CA ILE A 350 2.60 0.30 0.39
C ILE A 350 2.30 0.11 1.87
N ASP A 351 1.48 -0.91 2.17
CA ASP A 351 1.00 -1.10 3.54
C ASP A 351 2.12 -1.41 4.53
N VAL A 352 3.25 -1.95 4.06
CA VAL A 352 4.32 -2.30 4.98
C VAL A 352 5.06 -1.07 5.48
N MET A 353 4.99 0.04 4.73
CA MET A 353 5.66 1.25 5.16
C MET A 353 5.12 1.70 6.51
N TYR A 354 3.80 1.63 6.68
CA TYR A 354 3.20 2.08 7.93
C TYR A 354 3.63 1.20 9.09
N THR A 355 3.68 -0.11 8.87
CA THR A 355 4.15 -1.01 9.92
C THR A 355 5.57 -0.67 10.34
N THR A 356 6.46 -0.46 9.37
CA THR A 356 7.84 -0.17 9.72
C THR A 356 7.97 1.21 10.36
N LEU A 357 7.18 2.18 9.91
CA LEU A 357 7.20 3.51 10.51
C LEU A 357 6.73 3.45 11.96
N LEU A 358 5.68 2.67 12.23
CA LEU A 358 5.21 2.53 13.60
C LEU A 358 6.26 1.85 14.47
N ILE A 359 6.92 0.81 13.94
CA ILE A 359 7.97 0.15 14.69
C ILE A 359 9.08 1.15 15.03
N GLU A 360 9.49 1.94 14.05
CA GLU A 360 10.54 2.93 14.30
C GLU A 360 10.10 3.97 15.31
N LEU A 361 8.85 4.41 15.22
CA LEU A 361 8.34 5.39 16.19
C LEU A 361 8.35 4.82 17.60
N CYS A 362 7.92 3.57 17.76
CA CYS A 362 7.99 2.93 19.07
C CYS A 362 9.42 2.85 19.57
N LYS A 363 10.35 2.49 18.69
CA LYS A 363 11.76 2.42 19.08
C LYS A 363 12.28 3.78 19.53
N LEU A 364 11.92 4.84 18.80
CA LEU A 364 12.43 6.17 19.10
C LEU A 364 11.90 6.69 20.44
N GLN A 365 10.64 6.42 20.75
CA GLN A 365 9.99 6.92 21.96
C GLN A 365 9.38 5.74 22.71
N PRO A 366 10.22 4.85 23.24
CA PRO A 366 9.68 3.68 23.95
C PRO A 366 8.97 4.00 25.24
N GLY A 367 9.20 5.18 25.82
CA GLY A 367 8.67 5.46 27.14
C GLY A 367 7.17 5.71 27.15
N SER A 368 6.65 6.35 26.10
CA SER A 368 5.25 6.73 26.06
C SER A 368 4.49 6.16 24.87
N LEU A 369 5.08 6.17 23.68
CA LEU A 369 4.33 5.80 22.49
C LEU A 369 3.83 4.36 22.51
N PRO A 370 4.60 3.37 22.94
CA PRO A 370 4.07 1.98 22.91
C PRO A 370 2.77 1.83 23.67
N GLN A 371 2.61 2.51 24.81
CA GLN A 371 1.35 2.45 25.53
C GLN A 371 0.22 3.04 24.69
N VAL A 372 0.48 4.14 23.99
CA VAL A 372 -0.52 4.74 23.11
C VAL A 372 -0.90 3.77 22.01
N LEU A 373 0.10 3.09 21.44
CA LEU A 373 -0.18 2.10 20.39
C LEU A 373 -1.03 0.96 20.91
N ALA A 374 -0.72 0.47 22.11
CA ALA A 374 -1.54 -0.59 22.70
C ALA A 374 -2.96 -0.12 22.94
N GLN A 375 -3.12 1.12 23.43
CA GLN A 375 -4.46 1.66 23.65
C GLN A 375 -5.21 1.77 22.34
N ALA A 376 -4.56 2.25 21.29
CA ALA A 376 -5.19 2.34 19.98
C ALA A 376 -5.58 0.97 19.46
N THR A 377 -4.71 -0.03 19.65
CA THR A 377 -5.04 -1.39 19.23
C THR A 377 -6.28 -1.89 19.95
N GLU A 378 -6.33 -1.70 21.27
CA GLU A 378 -7.49 -2.14 22.03
C GLU A 378 -8.76 -1.43 21.56
N MET A 379 -8.67 -0.12 21.31
CA MET A 379 -9.80 0.61 20.76
C MET A 379 -10.25 0.00 19.44
N LEU A 380 -9.31 -0.20 18.51
CA LEU A 380 -9.65 -0.75 17.20
C LEU A 380 -10.32 -2.10 17.34
N TYR A 381 -9.87 -2.91 18.30
CA TYR A 381 -10.49 -4.21 18.51
C TYR A 381 -11.89 -4.08 19.08
N MET A 382 -12.09 -3.15 20.01
CA MET A 382 -13.40 -2.97 20.62
C MET A 382 -14.44 -2.52 19.61
N ARG A 383 -14.01 -1.83 18.55
CA ARG A 383 -14.91 -1.30 17.53
C ARG A 383 -14.85 -2.11 16.24
N LEU A 384 -14.58 -3.41 16.36
CA LEU A 384 -14.49 -4.28 15.20
C LEU A 384 -15.85 -4.67 14.65
N ASP A 385 -16.94 -4.46 15.40
CA ASP A 385 -18.24 -4.92 14.98
C ASP A 385 -18.73 -4.26 13.70
N THR A 386 -18.11 -3.16 13.28
CA THR A 386 -18.56 -2.45 12.09
C THR A 386 -17.44 -2.04 11.14
N MET A 387 -16.17 -2.14 11.55
CA MET A 387 -15.07 -1.79 10.65
C MET A 387 -15.22 -2.53 9.33
N ASN A 388 -14.79 -1.89 8.25
CA ASN A 388 -14.85 -2.50 6.94
C ASN A 388 -13.86 -3.66 6.84
N THR A 389 -14.23 -4.69 6.07
CA THR A 389 -13.39 -5.87 5.98
C THR A 389 -12.06 -5.60 5.29
N THR A 390 -11.98 -4.59 4.43
CA THR A 390 -10.69 -4.21 3.88
C THR A 390 -9.79 -3.64 4.96
N CYS A 391 -10.30 -2.69 5.73
CA CYS A 391 -9.56 -2.17 6.86
C CYS A 391 -9.28 -3.27 7.88
N VAL A 392 -10.18 -4.24 8.02
CA VAL A 392 -9.93 -5.35 8.93
C VAL A 392 -8.74 -6.17 8.44
N ASP A 393 -8.68 -6.44 7.13
CA ASP A 393 -7.54 -7.18 6.60
C ASP A 393 -6.24 -6.42 6.81
N ARG A 394 -6.25 -5.12 6.56
CA ARG A 394 -5.05 -4.31 6.79
C ARG A 394 -4.65 -4.37 8.26
N PHE A 395 -5.63 -4.27 9.15
CA PHE A 395 -5.35 -4.33 10.58
C PHE A 395 -4.77 -5.69 10.96
N ILE A 396 -5.31 -6.77 10.41
CA ILE A 396 -4.81 -8.10 10.73
C ILE A 396 -3.37 -8.23 10.28
N ASN A 397 -3.08 -7.80 9.05
CA ASN A 397 -1.71 -7.90 8.54
C ASN A 397 -0.75 -7.09 9.41
N TRP A 398 -1.11 -5.85 9.71
CA TRP A 398 -0.22 -5.00 10.51
C TRP A 398 -0.01 -5.60 11.90
N PHE A 399 -1.08 -6.07 12.52
CA PHE A 399 -0.98 -6.57 13.89
C PHE A 399 -0.17 -7.86 13.94
N SER A 400 -0.36 -8.75 12.96
CA SER A 400 0.46 -9.96 12.90
C SER A 400 1.92 -9.61 12.72
N HIS A 401 2.23 -8.66 11.82
CA HIS A 401 3.62 -8.27 11.63
C HIS A 401 4.19 -7.66 12.91
N HIS A 402 3.40 -6.86 13.60
CA HIS A 402 3.84 -6.25 14.86
C HIS A 402 4.17 -7.33 15.89
N LEU A 403 3.25 -8.28 16.08
CA LEU A 403 3.49 -9.36 17.03
C LEU A 403 4.74 -10.14 16.65
N SER A 404 4.92 -10.40 15.36
CA SER A 404 6.15 -11.07 14.92
C SER A 404 7.38 -10.25 15.31
N ASN A 405 7.29 -8.93 15.21
CA ASN A 405 8.39 -8.06 15.57
C ASN A 405 8.53 -7.84 17.08
N PHE A 406 7.60 -8.36 17.87
CA PHE A 406 7.63 -8.19 19.32
C PHE A 406 7.40 -9.52 20.04
N GLN A 407 8.08 -10.57 19.57
CA GLN A 407 8.04 -11.88 20.20
C GLN A 407 6.61 -12.35 20.48
N PHE A 408 5.72 -12.08 19.54
CA PHE A 408 4.33 -12.50 19.62
C PHE A 408 3.79 -12.43 21.04
N ARG A 409 3.92 -11.25 21.66
CA ARG A 409 3.42 -11.04 23.02
C ARG A 409 2.25 -10.06 23.02
N TRP A 410 1.14 -10.50 23.59
CA TRP A 410 -0.08 -9.70 23.70
C TRP A 410 -0.89 -10.23 24.86
N SER A 411 -1.67 -9.34 25.47
CA SER A 411 -2.56 -9.72 26.57
C SER A 411 -3.84 -10.28 25.98
N TRP A 412 -3.79 -11.57 25.65
CA TRP A 412 -4.93 -12.23 25.02
C TRP A 412 -6.12 -12.33 25.95
N GLU A 413 -5.87 -12.49 27.26
CA GLU A 413 -6.99 -12.62 28.20
C GLU A 413 -7.92 -11.41 28.13
N ASP A 414 -7.38 -10.22 27.84
CA ASP A 414 -8.22 -9.04 27.73
C ASP A 414 -9.28 -9.17 26.66
N TRP A 415 -9.08 -10.06 25.70
CA TRP A 415 -10.05 -10.31 24.62
C TRP A 415 -10.86 -11.57 24.87
N SER A 416 -10.97 -12.00 26.13
CA SER A 416 -11.71 -13.22 26.43
C SER A 416 -13.17 -13.12 25.99
N ASP A 417 -13.71 -11.91 25.87
CA ASP A 417 -15.08 -11.75 25.41
C ASP A 417 -15.30 -12.43 24.08
N CYS A 418 -14.25 -12.60 23.27
CA CYS A 418 -14.40 -13.20 21.96
C CYS A 418 -14.55 -14.72 22.02
N LEU A 419 -14.11 -15.34 23.10
CA LEU A 419 -14.19 -16.80 23.20
C LEU A 419 -15.63 -17.30 23.21
N SER A 420 -16.55 -16.50 23.74
CA SER A 420 -17.94 -16.91 23.88
C SER A 420 -18.81 -16.51 22.69
N GLN A 421 -18.32 -15.62 21.82
CA GLN A 421 -19.11 -15.14 20.71
C GLN A 421 -19.16 -16.16 19.58
N ASP A 422 -20.12 -15.98 18.68
CA ASP A 422 -20.16 -16.73 17.44
C ASP A 422 -18.78 -16.73 16.79
N PRO A 423 -18.24 -17.87 16.39
CA PRO A 423 -16.88 -17.87 15.81
C PRO A 423 -16.77 -17.05 14.54
N GLU A 424 -17.88 -16.75 13.87
CA GLU A 424 -17.85 -15.94 12.66
C GLU A 424 -17.94 -14.45 12.95
N SER A 425 -18.14 -14.06 14.20
CA SER A 425 -18.23 -12.65 14.55
C SER A 425 -16.90 -11.96 14.26
N PRO A 426 -16.93 -10.67 13.91
CA PRO A 426 -15.69 -9.97 13.56
C PRO A 426 -14.57 -10.16 14.56
N LYS A 427 -14.88 -10.30 15.85
CA LYS A 427 -13.84 -10.35 16.88
C LYS A 427 -13.13 -11.70 16.87
N PRO A 428 -13.84 -12.81 17.06
CA PRO A 428 -13.16 -14.12 16.98
C PRO A 428 -12.56 -14.39 15.62
N LYS A 429 -13.22 -13.93 14.55
CA LYS A 429 -12.64 -14.10 13.22
C LYS A 429 -11.33 -13.33 13.09
N PHE A 430 -11.30 -12.09 13.59
CA PHE A 430 -10.06 -11.32 13.55
C PHE A 430 -8.97 -12.01 14.35
N VAL A 431 -9.32 -12.55 15.51
CA VAL A 431 -8.32 -13.26 16.33
C VAL A 431 -7.79 -14.47 15.58
N ARG A 432 -8.69 -15.25 14.97
CA ARG A 432 -8.27 -16.42 14.21
C ARG A 432 -7.32 -16.04 13.08
N GLU A 433 -7.66 -14.98 12.34
CA GLU A 433 -6.81 -14.57 11.23
C GLU A 433 -5.47 -14.07 11.72
N VAL A 434 -5.46 -13.33 12.83
CA VAL A 434 -4.19 -12.86 13.39
C VAL A 434 -3.31 -14.04 13.78
N LEU A 435 -3.91 -15.04 14.42
CA LEU A 435 -3.14 -16.22 14.82
C LEU A 435 -2.60 -16.97 13.60
N GLU A 436 -3.43 -17.10 12.56
CA GLU A 436 -2.97 -17.77 11.35
C GLU A 436 -1.81 -17.02 10.70
N LYS A 437 -1.92 -15.69 10.61
CA LYS A 437 -0.83 -14.91 10.03
C LYS A 437 0.43 -15.02 10.87
N CYS A 438 0.28 -15.00 12.20
CA CYS A 438 1.43 -15.19 13.07
C CYS A 438 2.08 -16.54 12.84
N MET A 439 1.26 -17.58 12.64
CA MET A 439 1.79 -18.90 12.31
C MET A 439 2.55 -18.86 10.99
N ARG A 440 2.05 -18.11 10.01
CA ARG A 440 2.75 -18.03 8.73
C ARG A 440 4.17 -17.51 8.90
N LEU A 441 4.42 -16.68 9.90
CA LEU A 441 5.74 -16.15 10.19
C LEU A 441 6.47 -16.95 11.26
N SER A 442 5.92 -18.10 11.65
CA SER A 442 6.50 -18.93 12.71
C SER A 442 6.08 -20.37 12.44
N TYR A 443 6.10 -21.19 13.48
CA TYR A 443 5.61 -22.56 13.38
C TYR A 443 4.41 -22.75 14.31
N HIS A 444 3.61 -23.76 13.99
CA HIS A 444 2.38 -24.04 14.73
C HIS A 444 2.66 -24.15 16.24
N GLN A 445 3.68 -24.91 16.61
CA GLN A 445 3.95 -25.16 18.02
C GLN A 445 4.15 -23.86 18.79
N ARG A 446 4.91 -22.92 18.22
CA ARG A 446 5.13 -21.65 18.92
C ARG A 446 3.81 -20.91 19.13
N ILE A 447 2.96 -20.87 18.11
CA ILE A 447 1.69 -20.17 18.23
C ILE A 447 0.85 -20.80 19.33
N LEU A 448 0.79 -22.13 19.35
CA LEU A 448 0.10 -22.82 20.45
C LEU A 448 0.69 -22.40 21.80
N ASP A 449 2.01 -22.49 21.93
CA ASP A 449 2.69 -22.19 23.19
C ASP A 449 2.42 -20.76 23.68
N ILE A 450 2.17 -19.81 22.78
CA ILE A 450 2.06 -18.43 23.25
C ILE A 450 0.65 -18.05 23.71
N VAL A 451 -0.39 -18.61 23.10
CA VAL A 451 -1.76 -18.23 23.44
C VAL A 451 -2.18 -18.96 24.73
N PRO A 452 -3.09 -18.40 25.52
CA PRO A 452 -3.58 -19.13 26.67
C PRO A 452 -4.26 -20.43 26.24
N PRO A 453 -4.27 -21.44 27.11
CA PRO A 453 -4.96 -22.69 26.73
C PRO A 453 -6.41 -22.50 26.35
N THR A 454 -7.11 -21.56 27.00
CA THR A 454 -8.53 -21.37 26.71
C THR A 454 -8.75 -20.89 25.29
N PHE A 455 -7.72 -20.35 24.63
CA PHE A 455 -7.81 -19.90 23.25
C PHE A 455 -7.48 -21.00 22.25
N SER A 456 -7.19 -22.21 22.72
CA SER A 456 -6.79 -23.28 21.80
C SER A 456 -7.83 -23.52 20.72
N ALA A 457 -9.11 -23.29 21.02
CA ALA A 457 -10.15 -23.52 20.03
C ALA A 457 -10.01 -22.62 18.81
N LEU A 458 -9.28 -21.50 18.94
CA LEU A 458 -9.07 -20.58 17.83
C LEU A 458 -7.80 -20.86 17.05
N CYS A 459 -6.85 -21.58 17.65
CA CYS A 459 -5.55 -21.77 17.03
C CYS A 459 -5.71 -22.48 15.68
N PRO A 460 -4.90 -22.13 14.67
CA PRO A 460 -5.04 -22.78 13.37
C PRO A 460 -4.67 -24.24 13.39
N ALA A 461 -4.64 -24.88 12.23
CA ALA A 461 -4.36 -26.30 12.11
C ALA A 461 -2.93 -26.52 11.62
N ASN A 462 -2.38 -27.67 11.99
CA ASN A 462 -1.01 -27.98 11.60
C ASN A 462 -0.92 -28.07 10.08
N PRO A 463 0.09 -27.44 9.46
CA PRO A 463 0.17 -27.47 7.98
C PRO A 463 0.85 -28.73 7.45
N THR A 464 0.05 -29.80 7.33
CA THR A 464 0.54 -31.09 6.86
C THR A 464 -0.22 -31.50 5.60
N CYS A 465 0.49 -32.14 4.69
CA CYS A 465 -0.12 -32.64 3.46
C CYS A 465 -1.14 -33.74 3.75
N ILE A 466 -2.20 -33.77 2.95
CA ILE A 466 -3.23 -34.79 3.08
C ILE A 466 -3.19 -35.68 1.84
N TYR A 467 -2.46 -36.79 1.91
CA TYR A 467 -2.33 -37.71 0.79
C TYR A 467 -3.47 -38.71 0.88
N LYS A 468 -4.42 -38.61 -0.06
CA LYS A 468 -5.59 -39.47 -0.05
C LYS A 468 -5.24 -40.95 -0.19
N TYR A 469 -4.07 -41.28 -0.74
CA TYR A 469 -3.64 -42.65 -0.93
C TYR A 469 -2.45 -43.00 -0.05
N GLY A 470 -2.37 -42.42 1.15
CA GLY A 470 -1.27 -42.71 2.06
C GLY A 470 -1.60 -43.70 3.15
N ASP A 471 -2.87 -43.78 3.52
CA ASP A 471 -3.30 -44.62 4.63
C ASP A 471 -3.66 -46.01 4.15
N GLU A 472 -3.56 -46.98 5.06
CA GLU A 472 -3.89 -48.36 4.72
C GLU A 472 -5.33 -48.48 4.23
N SER A 473 -6.23 -47.64 4.74
CA SER A 473 -7.64 -47.71 4.37
C SER A 473 -7.88 -47.23 2.94
N SER A 474 -6.84 -46.76 2.25
CA SER A 474 -6.95 -46.24 0.90
C SER A 474 -6.76 -47.31 -0.16
N ASN A 475 -6.58 -48.57 0.24
CA ASN A 475 -6.32 -49.63 -0.73
C ASN A 475 -7.51 -49.90 -1.63
N SER A 476 -8.72 -49.56 -1.20
CA SER A 476 -9.93 -49.81 -1.98
C SER A 476 -10.29 -48.65 -2.88
N LEU A 477 -9.49 -47.57 -2.89
CA LEU A 477 -9.84 -46.40 -3.68
C LEU A 477 -9.44 -46.61 -5.14
N PRO A 478 -10.26 -46.17 -6.09
CA PRO A 478 -9.86 -46.27 -7.51
C PRO A 478 -8.56 -45.52 -7.77
N GLY A 479 -7.64 -46.20 -8.45
CA GLY A 479 -6.36 -45.60 -8.79
C GLY A 479 -5.25 -45.76 -7.78
N HIS A 480 -5.46 -46.53 -6.72
CA HIS A 480 -4.39 -46.74 -5.75
C HIS A 480 -3.17 -47.40 -6.39
N SER A 481 -3.41 -48.42 -7.22
CA SER A 481 -2.29 -49.06 -7.90
C SER A 481 -1.57 -48.09 -8.83
N VAL A 482 -2.34 -47.30 -9.59
CA VAL A 482 -1.74 -46.29 -10.45
C VAL A 482 -0.99 -45.27 -9.60
N ALA A 483 -1.54 -44.91 -8.44
CA ALA A 483 -0.85 -43.98 -7.57
C ALA A 483 0.49 -44.53 -7.11
N LEU A 484 0.53 -45.81 -6.72
CA LEU A 484 1.79 -46.41 -6.30
C LEU A 484 2.78 -46.47 -7.45
N CYS A 485 2.31 -46.82 -8.65
CA CYS A 485 3.21 -46.89 -9.80
C CYS A 485 3.79 -45.50 -10.11
N LEU A 486 2.94 -44.47 -10.06
CA LEU A 486 3.43 -43.11 -10.28
C LEU A 486 4.42 -42.71 -9.19
N ALA A 487 4.16 -43.11 -7.94
CA ALA A 487 5.07 -42.77 -6.86
C ALA A 487 6.44 -43.39 -7.08
N VAL A 488 6.48 -44.68 -7.45
CA VAL A 488 7.76 -45.33 -7.68
C VAL A 488 8.47 -44.71 -8.87
N ALA A 489 7.71 -44.41 -9.94
CA ALA A 489 8.32 -43.80 -11.11
C ALA A 489 8.93 -42.44 -10.76
N PHE A 490 8.22 -41.64 -9.97
CA PHE A 490 8.75 -40.35 -9.54
C PHE A 490 10.01 -40.54 -8.69
N LYS A 491 9.98 -41.51 -7.78
CA LYS A 491 11.18 -41.80 -6.98
C LYS A 491 12.32 -42.31 -7.85
N SER A 492 12.03 -42.79 -9.06
CA SER A 492 13.05 -43.32 -9.96
C SER A 492 13.42 -42.34 -11.06
N LYS A 493 13.08 -41.06 -10.90
CA LYS A 493 13.42 -40.03 -11.87
C LYS A 493 12.92 -40.39 -13.27
N ALA A 494 11.67 -40.85 -13.33
CA ALA A 494 11.06 -41.25 -14.59
C ALA A 494 10.89 -40.04 -15.50
N THR A 495 10.85 -40.31 -16.80
CA THR A 495 10.65 -39.27 -17.80
C THR A 495 9.16 -39.13 -18.11
N ASN A 496 8.84 -38.10 -18.89
CA ASN A 496 7.44 -37.80 -19.18
C ASN A 496 6.75 -38.94 -19.90
N ASP A 497 7.41 -39.52 -20.91
CA ASP A 497 6.78 -40.59 -21.67
C ASP A 497 6.46 -41.79 -20.77
N GLU A 498 7.36 -42.10 -19.85
CA GLU A 498 7.08 -43.18 -18.90
C GLU A 498 5.83 -42.86 -18.09
N ILE A 499 5.69 -41.61 -17.64
CA ILE A 499 4.53 -41.24 -16.84
C ILE A 499 3.25 -41.35 -17.67
N PHE A 500 3.31 -40.97 -18.94
CA PHE A 500 2.15 -41.20 -19.81
C PHE A 500 1.82 -42.68 -19.91
N SER A 501 2.85 -43.53 -20.03
CA SER A 501 2.59 -44.97 -20.12
C SER A 501 1.92 -45.48 -18.84
N ILE A 502 2.36 -45.01 -17.68
CA ILE A 502 1.73 -45.45 -16.43
C ILE A 502 0.36 -44.80 -16.24
N LEU A 503 0.07 -43.73 -16.97
CA LEU A 503 -1.17 -42.99 -16.77
C LEU A 503 -2.24 -43.33 -17.79
N LYS A 504 -1.84 -43.75 -19.00
CA LYS A 504 -2.77 -44.10 -20.07
C LYS A 504 -3.63 -45.31 -19.72
N ASP A 505 -3.53 -45.81 -18.48
CA ASP A 505 -4.29 -46.98 -18.06
C ASP A 505 -5.28 -46.65 -16.95
N VAL A 506 -5.62 -45.38 -16.78
CA VAL A 506 -6.57 -44.97 -15.75
C VAL A 506 -7.97 -45.06 -16.35
N PRO A 507 -8.91 -45.78 -15.72
CA PRO A 507 -10.25 -45.90 -16.31
C PRO A 507 -11.09 -44.65 -16.19
N ASN A 508 -11.39 -44.02 -17.32
CA ASN A 508 -12.22 -42.82 -17.30
C ASN A 508 -13.56 -43.15 -16.63
N PRO A 509 -14.07 -42.29 -15.74
CA PRO A 509 -15.34 -42.63 -15.08
C PRO A 509 -16.49 -42.88 -16.05
N ASN A 510 -16.57 -42.10 -17.13
CA ASN A 510 -17.62 -42.28 -18.13
C ASN A 510 -17.19 -43.27 -19.21
N SER A 520 -11.74 -36.07 -23.78
CA SER A 520 -10.35 -35.68 -23.59
C SER A 520 -10.17 -35.02 -22.23
N PHE A 521 -10.80 -35.58 -21.20
CA PHE A 521 -10.68 -35.05 -19.84
C PHE A 521 -11.05 -36.16 -18.88
N ASN A 522 -10.06 -36.69 -18.17
CA ASN A 522 -10.28 -37.76 -17.21
C ASN A 522 -10.05 -37.21 -15.80
N PRO A 523 -11.12 -36.94 -15.03
CA PRO A 523 -10.89 -36.37 -13.68
C PRO A 523 -10.01 -37.25 -12.80
N LEU A 524 -10.27 -38.56 -12.77
CA LEU A 524 -9.47 -39.45 -11.95
C LEU A 524 -7.99 -39.34 -12.30
N LYS A 525 -7.68 -39.26 -13.59
CA LYS A 525 -6.28 -39.16 -14.02
C LYS A 525 -5.60 -37.94 -13.40
N ILE A 526 -6.23 -36.77 -13.55
CA ILE A 526 -5.65 -35.55 -13.00
C ILE A 526 -5.54 -35.66 -11.48
N GLU A 527 -6.60 -36.15 -10.84
CA GLU A 527 -6.60 -36.25 -9.38
C GLU A 527 -5.43 -37.08 -8.90
N VAL A 528 -5.26 -38.28 -9.45
CA VAL A 528 -4.20 -39.16 -8.98
C VAL A 528 -2.84 -38.54 -9.28
N PHE A 529 -2.66 -38.02 -10.49
CA PHE A 529 -1.34 -37.50 -10.85
C PHE A 529 -0.95 -36.33 -9.96
N VAL A 530 -1.91 -35.46 -9.65
CA VAL A 530 -1.57 -34.25 -8.90
C VAL A 530 -1.42 -34.57 -7.43
N GLN A 531 -2.27 -35.45 -6.89
CA GLN A 531 -2.08 -35.89 -5.52
C GLN A 531 -0.71 -36.49 -5.32
N THR A 532 -0.31 -37.41 -6.21
CA THR A 532 0.99 -38.05 -6.06
C THR A 532 2.13 -37.04 -6.19
N LEU A 533 2.06 -36.19 -7.22
CA LEU A 533 3.13 -35.23 -7.46
C LEU A 533 3.29 -34.30 -6.27
N LEU A 534 2.18 -33.73 -5.78
CA LEU A 534 2.26 -32.82 -4.65
C LEU A 534 2.76 -33.53 -3.40
N HIS A 535 2.30 -34.76 -3.17
CA HIS A 535 2.71 -35.48 -1.98
C HIS A 535 4.22 -35.74 -1.98
N LEU A 536 4.77 -36.14 -3.13
CA LEU A 536 6.20 -36.40 -3.18
C LEU A 536 7.02 -35.12 -3.11
N ALA A 537 6.41 -33.97 -3.41
CA ALA A 537 7.09 -32.68 -3.38
C ALA A 537 6.53 -31.80 -2.28
N ALA A 538 6.32 -32.37 -1.10
CA ALA A 538 5.64 -31.71 0.01
C ALA A 538 6.56 -31.61 1.22
N LYS A 539 7.83 -31.26 0.98
CA LYS A 539 8.76 -30.99 2.06
C LYS A 539 9.42 -29.62 1.95
N SER A 540 9.17 -28.88 0.88
CA SER A 540 9.73 -27.54 0.73
C SER A 540 9.14 -26.91 -0.53
N PHE A 541 8.99 -25.58 -0.48
CA PHE A 541 8.49 -24.85 -1.64
C PHE A 541 9.31 -25.16 -2.88
N SER A 542 10.63 -25.08 -2.77
CA SER A 542 11.49 -25.33 -3.93
C SER A 542 11.21 -26.69 -4.54
N HIS A 543 11.03 -27.71 -3.71
CA HIS A 543 10.66 -29.03 -4.22
C HIS A 543 9.41 -28.96 -5.09
N SER A 544 8.36 -28.32 -4.59
CA SER A 544 7.12 -28.20 -5.36
C SER A 544 7.37 -27.44 -6.66
N PHE A 545 8.13 -26.36 -6.62
CA PHE A 545 8.39 -25.59 -7.83
C PHE A 545 9.11 -26.45 -8.86
N SER A 546 10.10 -27.22 -8.42
CA SER A 546 10.84 -28.08 -9.35
C SER A 546 9.93 -29.17 -9.91
N ALA A 547 9.07 -29.73 -9.08
CA ALA A 547 8.17 -30.78 -9.56
C ALA A 547 7.15 -30.23 -10.54
N LEU A 548 6.75 -28.97 -10.38
CA LEU A 548 5.80 -28.37 -11.30
C LEU A 548 6.48 -27.99 -12.61
N ALA A 549 7.69 -27.45 -12.54
CA ALA A 549 8.37 -27.02 -13.76
C ALA A 549 8.86 -28.20 -14.59
N LYS A 550 9.41 -29.22 -13.92
CA LYS A 550 9.94 -30.37 -14.65
C LYS A 550 8.87 -31.06 -15.46
N PHE A 551 7.71 -31.31 -14.83
CA PHE A 551 6.61 -32.03 -15.47
C PHE A 551 5.59 -31.08 -16.10
N HIS A 552 6.03 -29.88 -16.49
CA HIS A 552 5.13 -28.89 -17.07
C HIS A 552 4.33 -29.48 -18.23
N GLU A 553 5.00 -30.19 -19.13
CA GLU A 553 4.33 -30.74 -20.31
C GLU A 553 3.14 -31.60 -19.91
N VAL A 554 3.33 -32.47 -18.92
CA VAL A 554 2.25 -33.34 -18.48
C VAL A 554 1.08 -32.51 -17.98
N PHE A 555 1.36 -31.48 -17.18
CA PHE A 555 0.30 -30.61 -16.67
C PHE A 555 -0.48 -29.99 -17.81
N LYS A 556 0.23 -29.39 -18.78
CA LYS A 556 -0.46 -28.71 -19.87
C LYS A 556 -1.24 -29.68 -20.74
N THR A 557 -0.79 -30.93 -20.84
CA THR A 557 -1.49 -31.88 -21.69
C THR A 557 -2.70 -32.49 -20.98
N LEU A 558 -2.64 -32.65 -19.66
CA LEU A 558 -3.75 -33.20 -18.92
C LEU A 558 -4.83 -32.16 -18.61
N ALA A 559 -4.49 -30.88 -18.60
CA ALA A 559 -5.40 -29.81 -18.24
C ALA A 559 -5.67 -28.87 -19.41
N GLU A 560 -5.87 -29.44 -20.61
CA GLU A 560 -6.14 -28.61 -21.77
C GLU A 560 -7.44 -27.83 -21.60
N SER A 561 -8.48 -28.47 -21.08
CA SER A 561 -9.77 -27.83 -20.93
C SER A 561 -9.83 -27.01 -19.65
N ASP A 562 -10.57 -25.90 -19.70
CA ASP A 562 -10.77 -25.09 -18.50
C ASP A 562 -11.35 -25.90 -17.36
N GLU A 563 -12.22 -26.85 -17.67
CA GLU A 563 -12.69 -27.78 -16.64
C GLU A 563 -11.53 -28.56 -16.05
N GLY A 564 -10.56 -28.94 -16.88
CA GLY A 564 -9.38 -29.61 -16.35
C GLY A 564 -8.59 -28.73 -15.41
N LYS A 565 -8.45 -27.44 -15.75
CA LYS A 565 -7.77 -26.52 -14.84
C LYS A 565 -8.54 -26.39 -13.52
N LEU A 566 -9.87 -26.30 -13.58
CA LEU A 566 -10.66 -26.24 -12.36
C LEU A 566 -10.45 -27.49 -11.52
N HIS A 567 -10.41 -28.66 -12.17
CA HIS A 567 -10.16 -29.89 -11.42
C HIS A 567 -8.79 -29.90 -10.79
N VAL A 568 -7.77 -29.39 -11.51
CA VAL A 568 -6.43 -29.32 -10.94
C VAL A 568 -6.44 -28.42 -9.70
N LEU A 569 -7.11 -27.27 -9.79
CA LEU A 569 -7.20 -26.38 -8.65
C LEU A 569 -7.91 -27.05 -7.48
N ARG A 570 -9.00 -27.77 -7.75
CA ARG A 570 -9.74 -28.44 -6.69
C ARG A 570 -8.88 -29.50 -6.01
N VAL A 571 -8.15 -30.29 -6.79
CA VAL A 571 -7.29 -31.32 -6.21
C VAL A 571 -6.19 -30.68 -5.38
N MET A 572 -5.59 -29.60 -5.89
CA MET A 572 -4.56 -28.91 -5.13
C MET A 572 -5.10 -28.40 -3.81
N PHE A 573 -6.31 -27.84 -3.82
CA PHE A 573 -6.94 -27.42 -2.57
C PHE A 573 -7.16 -28.60 -1.63
N GLU A 574 -7.64 -29.72 -2.15
CA GLU A 574 -7.91 -30.87 -1.30
C GLU A 574 -6.63 -31.38 -0.65
N VAL A 575 -5.51 -31.36 -1.39
CA VAL A 575 -4.27 -31.87 -0.84
C VAL A 575 -3.74 -30.94 0.26
N TRP A 576 -3.83 -29.63 0.06
CA TRP A 576 -3.24 -28.65 0.97
C TRP A 576 -4.29 -27.78 1.64
N ARG A 577 -5.47 -28.34 1.94
CA ARG A 577 -6.51 -27.54 2.56
C ARG A 577 -6.16 -27.07 3.96
N ASN A 578 -5.01 -27.46 4.51
CA ASN A 578 -4.55 -27.00 5.81
C ASN A 578 -3.39 -26.01 5.73
N HIS A 579 -2.78 -25.83 4.55
CA HIS A 579 -1.65 -24.93 4.37
C HIS A 579 -2.04 -23.85 3.37
N PRO A 580 -2.78 -22.83 3.81
CA PRO A 580 -3.21 -21.78 2.86
C PRO A 580 -2.08 -21.13 2.10
N GLN A 581 -0.93 -20.90 2.76
CA GLN A 581 0.19 -20.26 2.06
C GLN A 581 0.66 -21.12 0.89
N MET A 582 0.73 -22.44 1.10
CA MET A 582 1.13 -23.33 0.02
C MET A 582 0.13 -23.24 -1.13
N ILE A 583 -1.17 -23.28 -0.82
CA ILE A 583 -2.20 -23.12 -1.84
C ILE A 583 -1.94 -21.86 -2.65
N ALA A 584 -1.82 -20.72 -1.96
CA ALA A 584 -1.56 -19.44 -2.62
C ALA A 584 -0.38 -19.53 -3.56
N VAL A 585 0.79 -19.90 -3.03
CA VAL A 585 2.01 -19.95 -3.84
C VAL A 585 1.82 -20.85 -5.05
N LEU A 586 1.25 -22.03 -4.83
CA LEU A 586 1.03 -22.97 -5.93
C LEU A 586 0.18 -22.33 -7.02
N VAL A 587 -0.95 -21.73 -6.64
CA VAL A 587 -1.83 -21.09 -7.62
C VAL A 587 -1.06 -20.02 -8.39
N ASP A 588 -0.28 -19.21 -7.67
CA ASP A 588 0.53 -18.19 -8.33
C ASP A 588 1.42 -18.81 -9.40
N LYS A 589 2.19 -19.83 -9.03
CA LYS A 589 3.09 -20.46 -9.99
C LYS A 589 2.31 -21.06 -11.16
N MET A 590 1.15 -21.66 -10.88
CA MET A 590 0.36 -22.27 -11.94
C MET A 590 -0.16 -21.23 -12.92
N ILE A 591 -0.44 -20.01 -12.44
CA ILE A 591 -0.93 -19.00 -13.37
C ILE A 591 0.22 -18.33 -14.10
N ARG A 592 1.40 -18.27 -13.48
CA ARG A 592 2.53 -17.67 -14.18
C ARG A 592 3.10 -18.65 -15.20
N THR A 593 3.10 -19.93 -14.87
CA THR A 593 3.62 -20.96 -15.75
C THR A 593 2.63 -21.32 -16.85
N GLN A 594 1.41 -20.78 -16.79
CA GLN A 594 0.35 -20.99 -17.79
C GLN A 594 -0.24 -22.39 -17.69
N ILE A 595 -0.19 -23.00 -16.50
CA ILE A 595 -0.90 -24.25 -16.30
C ILE A 595 -2.40 -23.99 -16.17
N VAL A 596 -2.76 -22.87 -15.56
CA VAL A 596 -4.16 -22.44 -15.45
C VAL A 596 -4.25 -20.96 -15.75
N ASP A 597 -5.28 -20.56 -16.49
CA ASP A 597 -5.53 -19.15 -16.73
C ASP A 597 -6.21 -18.51 -15.53
N CYS A 598 -6.21 -17.18 -15.51
CA CYS A 598 -6.77 -16.45 -14.38
C CYS A 598 -8.28 -16.67 -14.25
N ALA A 599 -8.97 -16.85 -15.38
CA ALA A 599 -10.40 -17.09 -15.33
C ALA A 599 -10.73 -18.36 -14.57
N ALA A 600 -9.93 -19.41 -14.78
CA ALA A 600 -10.19 -20.67 -14.07
C ALA A 600 -10.05 -20.49 -12.57
N VAL A 601 -9.02 -19.77 -12.12
CA VAL A 601 -8.86 -19.53 -10.69
C VAL A 601 -10.00 -18.68 -10.16
N ALA A 602 -10.41 -17.66 -10.91
CA ALA A 602 -11.53 -16.83 -10.46
C ALA A 602 -12.79 -17.67 -10.30
N ASN A 603 -13.06 -18.56 -11.25
CA ASN A 603 -14.20 -19.47 -11.12
C ASN A 603 -14.03 -20.39 -9.91
N TRP A 604 -12.80 -20.84 -9.65
CA TRP A 604 -12.55 -21.73 -8.53
C TRP A 604 -12.79 -21.05 -7.19
N ILE A 605 -12.49 -19.75 -7.09
CA ILE A 605 -12.66 -19.06 -5.81
C ILE A 605 -14.10 -19.15 -5.34
N PHE A 606 -15.06 -18.96 -6.24
CA PHE A 606 -16.47 -19.01 -5.91
C PHE A 606 -17.04 -20.42 -5.93
N SER A 607 -16.20 -21.42 -6.19
CA SER A 607 -16.69 -22.80 -6.25
C SER A 607 -17.19 -23.26 -4.88
N SER A 608 -18.13 -24.20 -4.90
CA SER A 608 -18.73 -24.66 -3.66
C SER A 608 -17.70 -25.26 -2.71
N GLU A 609 -16.62 -25.82 -3.27
CA GLU A 609 -15.57 -26.42 -2.44
C GLU A 609 -14.93 -25.42 -1.48
N LEU A 610 -15.16 -24.13 -1.66
CA LEU A 610 -14.60 -23.09 -0.80
C LEU A 610 -15.66 -22.37 0.01
N SER A 611 -16.91 -22.83 -0.04
CA SER A 611 -17.96 -22.14 0.71
C SER A 611 -17.63 -22.08 2.19
N ARG A 612 -17.13 -23.17 2.76
CA ARG A 612 -16.75 -23.15 4.17
C ARG A 612 -15.58 -22.20 4.41
N ASP A 613 -14.72 -22.00 3.41
CA ASP A 613 -13.58 -21.11 3.52
C ASP A 613 -13.75 -19.85 2.67
N PHE A 614 -14.98 -19.54 2.28
CA PHE A 614 -15.22 -18.40 1.40
C PHE A 614 -14.79 -17.09 2.06
N THR A 615 -15.06 -16.94 3.35
CA THR A 615 -14.77 -15.71 4.07
C THR A 615 -13.32 -15.61 4.53
N ARG A 616 -12.55 -16.68 4.41
CA ARG A 616 -11.18 -16.66 4.90
C ARG A 616 -10.32 -15.72 4.06
N LEU A 617 -9.40 -15.03 4.73
CA LEU A 617 -8.63 -13.97 4.08
C LEU A 617 -7.77 -14.48 2.93
N PHE A 618 -7.36 -15.75 2.96
CA PHE A 618 -6.42 -16.22 1.95
C PHE A 618 -7.08 -16.37 0.58
N VAL A 619 -8.39 -16.64 0.52
CA VAL A 619 -9.01 -16.78 -0.78
C VAL A 619 -9.06 -15.43 -1.47
N TRP A 620 -9.22 -14.36 -0.70
CA TRP A 620 -9.33 -13.04 -1.31
C TRP A 620 -7.95 -12.47 -1.58
N GLU A 621 -6.94 -12.82 -0.78
CA GLU A 621 -5.59 -12.46 -1.14
C GLU A 621 -5.16 -13.17 -2.41
N ILE A 622 -5.63 -14.40 -2.63
CA ILE A 622 -5.32 -15.10 -3.87
C ILE A 622 -6.02 -14.44 -5.05
N LEU A 623 -7.30 -14.11 -4.89
CA LEU A 623 -8.02 -13.46 -5.99
C LEU A 623 -7.37 -12.13 -6.35
N HIS A 624 -7.02 -11.33 -5.34
CA HIS A 624 -6.38 -10.04 -5.61
C HIS A 624 -5.01 -10.23 -6.26
N SER A 625 -4.26 -11.25 -5.83
CA SER A 625 -2.96 -11.50 -6.45
C SER A 625 -3.13 -11.87 -7.92
N THR A 626 -4.12 -12.70 -8.24
CA THR A 626 -4.37 -13.06 -9.63
C THR A 626 -4.77 -11.83 -10.45
N ILE A 627 -5.63 -10.98 -9.90
CA ILE A 627 -6.01 -9.77 -10.62
C ILE A 627 -4.80 -8.89 -10.87
N ARG A 628 -3.94 -8.74 -9.86
CA ARG A 628 -2.73 -7.93 -10.03
C ARG A 628 -1.83 -8.51 -11.09
N LYS A 629 -1.69 -9.84 -11.11
CA LYS A 629 -0.87 -10.49 -12.14
C LYS A 629 -1.41 -10.20 -13.53
N MET A 630 -2.72 -10.30 -13.71
CA MET A 630 -3.31 -10.01 -15.02
C MET A 630 -3.07 -8.56 -15.41
N ASN A 631 -3.26 -7.64 -14.45
CA ASN A 631 -3.06 -6.22 -14.75
C ASN A 631 -1.62 -5.95 -15.15
N LYS A 632 -0.67 -6.52 -14.41
CA LYS A 632 0.74 -6.31 -14.75
C LYS A 632 1.09 -6.90 -16.11
N HIS A 633 0.55 -8.07 -16.44
CA HIS A 633 0.82 -8.65 -17.75
C HIS A 633 0.29 -7.74 -18.86
N VAL A 634 -0.94 -7.25 -18.70
CA VAL A 634 -1.52 -6.38 -19.71
C VAL A 634 -0.67 -5.12 -19.85
N LEU A 635 -0.26 -4.53 -18.72
CA LEU A 635 0.55 -3.32 -18.77
C LEU A 635 1.88 -3.57 -19.46
N LYS A 636 2.49 -4.73 -19.19
CA LYS A 636 3.77 -5.04 -19.81
C LYS A 636 3.64 -5.19 -21.33
N ILE A 637 2.60 -5.88 -21.79
CA ILE A 637 2.41 -6.03 -23.22
C ILE A 637 2.14 -4.68 -23.87
N GLN A 638 1.32 -3.84 -23.22
CA GLN A 638 1.07 -2.50 -23.76
C GLN A 638 2.35 -1.68 -23.84
N LYS A 639 3.18 -1.75 -22.81
CA LYS A 639 4.43 -1.00 -22.82
C LYS A 639 5.35 -1.49 -23.93
N GLU A 640 5.41 -2.81 -24.13
CA GLU A 640 6.21 -3.35 -25.23
C GLU A 640 5.71 -2.85 -26.57
N LEU A 641 4.38 -2.82 -26.76
CA LEU A 641 3.83 -2.31 -28.01
C LEU A 641 4.18 -0.84 -28.20
N GLU A 642 4.08 -0.05 -27.13
CA GLU A 642 4.42 1.36 -27.23
C GLU A 642 5.88 1.55 -27.61
N GLU A 643 6.78 0.78 -26.98
CA GLU A 643 8.19 0.89 -27.30
C GLU A 643 8.44 0.51 -28.76
N ALA A 644 7.79 -0.55 -29.23
CA ALA A 644 7.96 -0.95 -30.62
C ALA A 644 7.48 0.14 -31.57
N LYS A 645 6.33 0.75 -31.27
CA LYS A 645 5.84 1.84 -32.13
C LYS A 645 6.80 3.01 -32.12
N GLU A 646 7.35 3.36 -30.96
CA GLU A 646 8.31 4.46 -30.88
C GLU A 646 9.55 4.14 -31.71
N LYS A 647 10.03 2.89 -31.63
CA LYS A 647 11.18 2.50 -32.43
C LYS A 647 10.88 2.59 -33.91
N LEU A 648 9.67 2.15 -34.32
CA LEU A 648 9.28 2.27 -35.72
C LEU A 648 9.27 3.72 -36.17
N ALA A 649 8.70 4.61 -35.35
CA ALA A 649 8.65 6.03 -35.72
C ALA A 649 10.05 6.62 -35.83
N ARG A 650 10.91 6.31 -34.86
CA ARG A 650 12.27 6.84 -34.89
C ARG A 650 13.03 6.33 -36.11
N GLN A 651 12.93 5.03 -36.40
CA GLN A 651 13.62 4.48 -37.56
C GLN A 651 13.10 5.09 -38.85
N HIS A 652 11.78 5.25 -38.98
CA HIS A 652 11.22 5.84 -40.18
C HIS A 652 11.69 7.28 -40.37
N LYS A 653 11.69 8.06 -39.28
CA LYS A 653 12.12 9.44 -39.39
C LYS A 653 13.59 9.54 -39.72
N ARG A 654 14.42 8.70 -39.12
CA ARG A 654 15.86 8.72 -39.42
C ARG A 654 16.13 8.31 -40.86
N ARG A 655 15.44 7.28 -41.35
CA ARG A 655 15.63 6.87 -42.74
C ARG A 655 15.17 7.97 -43.70
N SER A 656 14.02 8.58 -43.42
CA SER A 656 13.53 9.65 -44.29
C SER A 656 14.47 10.85 -44.29
N ASP A 657 15.00 11.20 -43.12
CA ASP A 657 15.93 12.32 -43.01
C ASP A 657 17.21 12.03 -43.77
N ARG A 665 11.99 -4.16 -46.50
CA ARG A 665 12.35 -5.34 -45.71
C ARG A 665 12.27 -5.02 -44.22
N LYS A 666 13.27 -4.27 -43.73
CA LYS A 666 13.29 -3.88 -42.32
C LYS A 666 11.95 -3.27 -41.91
N ASP A 667 11.56 -2.19 -42.58
CA ASP A 667 10.30 -1.53 -42.26
C ASP A 667 9.13 -2.51 -42.33
N GLY A 668 9.09 -3.32 -43.40
CA GLY A 668 8.00 -4.29 -43.54
C GLY A 668 7.87 -5.23 -42.35
N VAL A 669 8.97 -5.91 -42.01
CA VAL A 669 8.94 -6.88 -40.92
C VAL A 669 8.65 -6.18 -39.59
N LEU A 670 9.18 -4.97 -39.41
CA LEU A 670 8.91 -4.23 -38.18
C LEU A 670 7.42 -3.91 -38.07
N GLU A 671 6.82 -3.40 -39.14
CA GLU A 671 5.39 -3.12 -39.15
C GLU A 671 4.60 -4.38 -38.85
N GLU A 672 5.02 -5.52 -39.42
CA GLU A 672 4.35 -6.78 -39.14
C GLU A 672 4.40 -7.07 -37.64
N GLN A 673 5.60 -7.04 -37.07
CA GLN A 673 5.76 -7.18 -35.62
C GLN A 673 4.77 -6.30 -34.88
N ILE A 674 4.81 -5.00 -35.16
CA ILE A 674 3.89 -4.04 -34.54
C ILE A 674 2.46 -4.55 -34.59
N GLU A 675 2.01 -4.97 -35.77
CA GLU A 675 0.65 -5.48 -35.92
C GLU A 675 0.40 -6.65 -34.97
N ARG A 676 1.34 -7.59 -34.92
CA ARG A 676 1.19 -8.74 -34.04
C ARG A 676 1.06 -8.29 -32.59
N LEU A 677 1.95 -7.39 -32.16
CA LEU A 677 1.91 -6.88 -30.80
C LEU A 677 0.56 -6.22 -30.51
N GLN A 678 0.04 -5.46 -31.47
CA GLN A 678 -1.26 -4.82 -31.29
C GLN A 678 -2.35 -5.87 -31.08
N GLU A 679 -2.33 -6.93 -31.88
CA GLU A 679 -3.31 -8.00 -31.71
C GLU A 679 -3.15 -8.65 -30.33
N LYS A 680 -1.91 -8.82 -29.88
CA LYS A 680 -1.67 -9.36 -28.55
C LYS A 680 -2.25 -8.46 -27.47
N VAL A 681 -2.07 -7.14 -27.61
CA VAL A 681 -2.62 -6.21 -26.64
C VAL A 681 -4.14 -6.28 -26.64
N GLU A 682 -4.74 -6.38 -27.82
CA GLU A 682 -6.19 -6.51 -27.89
C GLU A 682 -6.67 -7.76 -27.17
N SER A 683 -5.98 -8.88 -27.39
CA SER A 683 -6.37 -10.13 -26.74
C SER A 683 -6.18 -10.05 -25.23
N ALA A 684 -5.08 -9.43 -24.79
CA ALA A 684 -4.83 -9.29 -23.35
C ALA A 684 -5.91 -8.43 -22.70
N GLN A 685 -6.27 -7.31 -23.34
CA GLN A 685 -7.33 -6.47 -22.79
C GLN A 685 -8.65 -7.22 -22.76
N SER A 686 -8.93 -8.02 -23.81
CA SER A 686 -10.15 -8.82 -23.81
C SER A 686 -10.17 -9.80 -22.65
N GLU A 687 -9.03 -10.45 -22.38
CA GLU A 687 -8.97 -11.40 -21.29
C GLU A 687 -9.13 -10.71 -19.94
N GLN A 688 -8.53 -9.53 -19.77
CA GLN A 688 -8.72 -8.76 -18.55
C GLN A 688 -10.20 -8.42 -18.35
N LYS A 689 -10.85 -7.94 -19.42
CA LYS A 689 -12.27 -7.63 -19.35
C LYS A 689 -13.08 -8.86 -18.97
N ASN A 690 -12.77 -10.01 -19.57
CA ASN A 690 -13.51 -11.22 -19.25
C ASN A 690 -13.30 -11.62 -17.80
N LEU A 691 -12.07 -11.46 -17.29
CA LEU A 691 -11.81 -11.78 -15.89
C LEU A 691 -12.68 -10.93 -14.97
N PHE A 692 -12.66 -9.60 -15.17
CA PHE A 692 -13.45 -8.74 -14.31
C PHE A 692 -14.93 -9.03 -14.45
N LEU A 693 -15.40 -9.25 -15.68
CA LEU A 693 -16.80 -9.53 -15.91
C LEU A 693 -17.24 -10.81 -15.20
N VAL A 694 -16.42 -11.86 -15.28
CA VAL A 694 -16.76 -13.11 -14.61
C VAL A 694 -16.80 -12.91 -13.09
N ILE A 695 -15.82 -12.18 -12.56
CA ILE A 695 -15.81 -11.94 -11.11
C ILE A 695 -17.08 -11.22 -10.69
N PHE A 696 -17.46 -10.17 -11.41
CA PHE A 696 -18.63 -9.40 -11.05
C PHE A 696 -19.91 -10.24 -11.21
N GLN A 697 -19.98 -11.05 -12.26
CA GLN A 697 -21.15 -11.92 -12.43
C GLN A 697 -21.28 -12.89 -11.26
N ARG A 698 -20.15 -13.45 -10.80
CA ARG A 698 -20.24 -14.41 -9.71
C ARG A 698 -20.63 -13.72 -8.40
N PHE A 699 -20.09 -12.53 -8.14
CA PHE A 699 -20.54 -11.75 -6.99
C PHE A 699 -22.05 -11.50 -7.06
N ILE A 700 -22.52 -11.05 -8.23
CA ILE A 700 -23.94 -10.74 -8.37
C ILE A 700 -24.77 -11.99 -8.14
N MET A 701 -24.36 -13.12 -8.71
CA MET A 701 -25.13 -14.35 -8.56
C MET A 701 -25.22 -14.75 -7.09
N ILE A 702 -24.09 -14.77 -6.38
CA ILE A 702 -24.11 -15.22 -5.00
C ILE A 702 -24.94 -14.27 -4.14
N LEU A 703 -24.76 -12.96 -4.34
CA LEU A 703 -25.51 -12.01 -3.52
C LEU A 703 -27.00 -12.07 -3.82
N THR A 704 -27.37 -12.21 -5.10
CA THR A 704 -28.79 -12.28 -5.46
C THR A 704 -29.44 -13.52 -4.89
N GLU A 705 -28.80 -14.68 -5.04
CA GLU A 705 -29.39 -15.90 -4.50
C GLU A 705 -29.48 -15.84 -2.99
N HIS A 706 -28.45 -15.30 -2.33
CA HIS A 706 -28.50 -15.17 -0.87
C HIS A 706 -29.65 -14.27 -0.45
N LEU A 707 -29.82 -13.13 -1.12
CA LEU A 707 -30.88 -12.21 -0.75
C LEU A 707 -32.25 -12.83 -0.99
N VAL A 708 -32.42 -13.54 -2.11
CA VAL A 708 -33.71 -14.17 -2.39
C VAL A 708 -34.02 -15.22 -1.33
N ARG A 709 -33.03 -16.04 -0.99
CA ARG A 709 -33.24 -17.07 0.04
C ARG A 709 -33.58 -16.43 1.38
N CYS A 710 -32.86 -15.37 1.76
CA CYS A 710 -33.12 -14.71 3.03
C CYS A 710 -34.51 -14.10 3.06
N GLU A 711 -34.93 -13.46 1.96
CA GLU A 711 -36.26 -12.87 1.90
C GLU A 711 -37.33 -13.94 2.00
N THR A 712 -37.15 -15.06 1.29
CA THR A 712 -38.12 -16.14 1.39
C THR A 712 -38.18 -16.69 2.80
N ASP A 713 -37.03 -16.86 3.44
CA ASP A 713 -36.99 -17.34 4.82
C ASP A 713 -37.46 -16.27 5.81
N GLY A 714 -37.55 -15.02 5.38
CA GLY A 714 -37.95 -13.95 6.30
C GLY A 714 -36.98 -13.71 7.43
N THR A 715 -35.69 -13.87 7.17
CA THR A 715 -34.66 -13.70 8.18
C THR A 715 -33.95 -12.36 7.98
N SER A 716 -33.10 -12.00 8.94
CA SER A 716 -32.33 -10.77 8.84
C SER A 716 -31.35 -10.85 7.67
N VAL A 717 -31.33 -9.80 6.85
CA VAL A 717 -30.42 -9.77 5.71
C VAL A 717 -29.01 -9.44 6.16
N LEU A 718 -28.85 -8.73 7.27
CA LEU A 718 -27.54 -8.33 7.77
C LEU A 718 -26.96 -9.48 8.59
N THR A 719 -26.09 -10.26 7.96
CA THR A 719 -25.38 -11.35 8.60
C THR A 719 -23.89 -11.20 8.30
N PRO A 720 -23.01 -11.77 9.13
CA PRO A 720 -21.57 -11.58 8.89
C PRO A 720 -21.14 -12.03 7.51
N TRP A 721 -21.71 -13.12 7.00
CA TRP A 721 -21.34 -13.58 5.66
C TRP A 721 -21.72 -12.54 4.62
N TYR A 722 -22.93 -12.00 4.72
CA TYR A 722 -23.37 -10.98 3.76
C TYR A 722 -22.49 -9.74 3.84
N LYS A 723 -22.17 -9.30 5.06
CA LYS A 723 -21.30 -8.14 5.22
C LYS A 723 -19.95 -8.40 4.58
N ASN A 724 -19.38 -9.59 4.81
CA ASN A 724 -18.08 -9.90 4.24
C ASN A 724 -18.14 -9.88 2.72
N CYS A 725 -19.17 -10.50 2.14
CA CYS A 725 -19.25 -10.57 0.68
C CYS A 725 -19.45 -9.18 0.07
N ILE A 726 -20.35 -8.39 0.63
CA ILE A 726 -20.63 -7.08 0.07
C ILE A 726 -19.41 -6.17 0.19
N GLU A 727 -18.71 -6.23 1.34
CA GLU A 727 -17.54 -5.40 1.50
C GLU A 727 -16.36 -5.90 0.68
N ARG A 728 -16.31 -7.19 0.36
CA ARG A 728 -15.30 -7.66 -0.59
C ARG A 728 -15.58 -7.15 -1.99
N LEU A 729 -16.85 -7.11 -2.39
CA LEU A 729 -17.19 -6.49 -3.66
C LEU A 729 -16.79 -5.01 -3.67
N GLN A 730 -17.08 -4.30 -2.58
CA GLN A 730 -16.65 -2.91 -2.46
C GLN A 730 -15.14 -2.80 -2.54
N GLN A 731 -14.43 -3.76 -1.92
CA GLN A 731 -12.97 -3.73 -1.95
C GLN A 731 -12.45 -3.89 -3.37
N ILE A 732 -13.07 -4.78 -4.15
CA ILE A 732 -12.61 -4.98 -5.53
C ILE A 732 -12.89 -3.73 -6.35
N PHE A 733 -14.06 -3.11 -6.16
CA PHE A 733 -14.36 -1.89 -6.90
C PHE A 733 -13.39 -0.78 -6.54
N LEU A 734 -13.13 -0.60 -5.24
CA LEU A 734 -12.20 0.43 -4.81
C LEU A 734 -10.80 0.18 -5.34
N GLN A 735 -10.34 -1.08 -5.28
CA GLN A 735 -8.98 -1.38 -5.71
C GLN A 735 -8.79 -1.22 -7.20
N HIS A 736 -9.81 -1.49 -8.02
CA HIS A 736 -9.64 -1.50 -9.46
C HIS A 736 -10.57 -0.54 -10.18
N HIS A 737 -10.96 0.54 -9.51
CA HIS A 737 -11.69 1.61 -10.19
C HIS A 737 -10.92 2.13 -11.39
N GLN A 738 -9.59 2.22 -11.27
CA GLN A 738 -8.78 2.78 -12.35
C GLN A 738 -9.02 2.04 -13.66
N ILE A 739 -9.29 0.74 -13.59
CA ILE A 739 -9.54 -0.06 -14.78
C ILE A 739 -11.03 -0.14 -15.08
N ILE A 740 -11.88 -0.30 -14.06
CA ILE A 740 -13.32 -0.39 -14.27
C ILE A 740 -13.88 0.89 -14.89
N GLN A 741 -13.14 2.01 -14.79
CA GLN A 741 -13.59 3.21 -15.47
C GLN A 741 -13.78 2.97 -16.97
N GLN A 742 -13.00 2.06 -17.55
CA GLN A 742 -13.14 1.78 -18.98
C GLN A 742 -14.36 0.92 -19.26
N TYR A 743 -14.68 -0.03 -18.38
CA TYR A 743 -15.80 -0.93 -18.58
C TYR A 743 -17.14 -0.36 -18.11
N MET A 744 -17.12 0.80 -17.44
CA MET A 744 -18.35 1.39 -16.93
C MET A 744 -19.56 1.17 -17.85
N VAL A 745 -19.38 1.40 -19.16
CA VAL A 745 -20.51 1.36 -20.07
C VAL A 745 -21.11 -0.04 -20.11
N THR A 746 -20.29 -1.05 -20.36
CA THR A 746 -20.80 -2.42 -20.43
C THR A 746 -21.30 -2.89 -19.06
N LEU A 747 -20.61 -2.49 -17.99
CA LEU A 747 -21.06 -2.86 -16.65
C LEU A 747 -22.48 -2.34 -16.40
N GLU A 748 -22.74 -1.09 -16.77
CA GLU A 748 -24.07 -0.52 -16.53
C GLU A 748 -25.09 -1.10 -17.49
N ASN A 749 -24.68 -1.48 -18.70
CA ASN A 749 -25.63 -1.98 -19.68
C ASN A 749 -26.03 -3.44 -19.44
N LEU A 750 -25.12 -4.26 -18.93
CA LEU A 750 -25.34 -5.70 -18.82
C LEU A 750 -25.47 -6.18 -17.39
N LEU A 751 -24.51 -5.88 -16.53
CA LEU A 751 -24.48 -6.46 -15.18
C LEU A 751 -25.31 -5.65 -14.19
N PHE A 752 -24.95 -4.38 -13.98
CA PHE A 752 -25.61 -3.54 -12.99
C PHE A 752 -26.74 -2.76 -13.66
N THR A 753 -27.85 -3.46 -13.84
CA THR A 753 -29.04 -2.89 -14.47
C THR A 753 -30.05 -2.47 -13.40
N ALA A 754 -31.10 -1.79 -13.86
CA ALA A 754 -32.16 -1.35 -12.95
C ALA A 754 -32.85 -2.52 -12.30
N GLU A 755 -33.08 -3.60 -13.06
CA GLU A 755 -33.76 -4.78 -12.51
C GLU A 755 -33.01 -5.40 -11.35
N LEU A 756 -31.72 -5.10 -11.19
CA LEU A 756 -30.94 -5.70 -10.13
C LEU A 756 -31.50 -5.30 -8.77
N ASP A 757 -31.21 -6.13 -7.77
CA ASP A 757 -31.67 -5.86 -6.42
C ASP A 757 -31.07 -4.54 -5.92
N PRO A 758 -31.84 -3.72 -5.21
CA PRO A 758 -31.27 -2.44 -4.75
C PRO A 758 -30.04 -2.58 -3.88
N HIS A 759 -29.94 -3.63 -3.07
CA HIS A 759 -28.79 -3.78 -2.19
C HIS A 759 -27.50 -3.89 -3.00
N ILE A 760 -27.50 -4.73 -4.05
CA ILE A 760 -26.31 -4.87 -4.87
C ILE A 760 -26.08 -3.63 -5.72
N LEU A 761 -27.14 -3.11 -6.33
CA LEU A 761 -27.01 -1.93 -7.18
C LEU A 761 -26.50 -0.73 -6.39
N ALA A 762 -26.67 -0.74 -5.07
CA ALA A 762 -26.19 0.38 -4.26
C ALA A 762 -24.68 0.49 -4.34
N VAL A 763 -23.98 -0.65 -4.34
CA VAL A 763 -22.53 -0.61 -4.44
C VAL A 763 -22.10 0.02 -5.76
N PHE A 764 -22.75 -0.37 -6.86
CA PHE A 764 -22.41 0.19 -8.15
C PHE A 764 -22.72 1.68 -8.22
N GLN A 765 -23.85 2.10 -7.63
CA GLN A 765 -24.17 3.52 -7.62
C GLN A 765 -23.15 4.31 -6.82
N GLN A 766 -22.72 3.78 -5.67
CA GLN A 766 -21.68 4.44 -4.89
C GLN A 766 -20.38 4.53 -5.68
N PHE A 767 -20.01 3.45 -6.37
CA PHE A 767 -18.79 3.48 -7.16
C PHE A 767 -18.87 4.53 -8.26
N CYS A 768 -20.01 4.60 -8.95
CA CYS A 768 -20.18 5.61 -10.00
C CYS A 768 -20.09 7.02 -9.42
N ALA A 769 -20.76 7.25 -8.29
CA ALA A 769 -20.73 8.58 -7.68
C ALA A 769 -19.36 8.90 -7.11
N LEU A 770 -18.51 7.89 -6.91
CA LEU A 770 -17.18 8.15 -6.37
C LEU A 770 -16.42 9.13 -7.24
N GLN A 771 -16.65 9.12 -8.54
CA GLN A 771 -15.96 9.99 -9.49
C GLN A 771 -16.96 10.60 -10.46
N ALA A 772 -18.05 11.13 -9.93
CA ALA A 772 -19.08 11.76 -10.74
C ALA A 772 -20.08 12.51 -9.87
N GLY B 4 12.88 21.68 -10.76
CA GLY B 4 12.26 20.39 -10.99
C GLY B 4 11.75 19.74 -9.71
N LEU B 5 12.63 19.00 -9.05
CA LEU B 5 12.31 18.32 -7.80
C LEU B 5 13.43 18.54 -6.80
N LEU B 6 13.05 18.73 -5.54
CA LEU B 6 14.04 18.97 -4.49
C LEU B 6 14.88 17.73 -4.28
N LYS B 7 16.20 17.92 -4.17
CA LYS B 7 17.11 16.80 -3.97
C LYS B 7 16.99 16.21 -2.57
N ALA B 8 16.51 16.98 -1.59
CA ALA B 8 16.35 16.44 -0.26
C ALA B 8 15.33 15.30 -0.26
N LEU B 9 14.24 15.46 -1.01
CA LEU B 9 13.24 14.40 -1.10
C LEU B 9 13.78 13.21 -1.87
N ARG B 10 14.58 13.45 -2.91
CA ARG B 10 15.13 12.36 -3.70
C ARG B 10 16.09 11.47 -2.91
N SER B 11 16.53 11.91 -1.75
CA SER B 11 17.46 11.11 -0.95
C SER B 11 16.82 9.76 -0.62
N ASP B 12 17.46 8.68 -1.07
CA ASP B 12 16.98 7.32 -0.85
C ASP B 12 18.13 6.51 -0.24
N SER B 13 18.33 6.67 1.06
CA SER B 13 19.47 6.06 1.72
C SER B 13 19.35 4.54 1.81
N TYR B 14 18.15 4.00 1.66
CA TYR B 14 17.94 2.57 1.80
C TYR B 14 18.14 1.79 0.51
N VAL B 15 18.05 2.46 -0.64
CA VAL B 15 18.12 1.79 -1.93
C VAL B 15 19.52 1.97 -2.55
N GLU B 16 20.50 2.34 -1.74
CA GLU B 16 21.84 2.62 -2.25
C GLU B 16 22.70 1.36 -2.17
N LEU B 17 23.66 1.28 -3.09
CA LEU B 17 24.55 0.13 -3.13
C LEU B 17 25.35 0.03 -1.84
N SER B 18 25.59 -1.21 -1.41
CA SER B 18 26.41 -1.47 -0.24
C SER B 18 27.89 -1.54 -0.65
N GLN B 19 28.75 -1.74 0.34
CA GLN B 19 30.19 -1.84 0.11
C GLN B 19 30.64 -3.25 -0.22
N TYR B 20 29.73 -4.20 -0.35
CA TYR B 20 30.07 -5.58 -0.63
C TYR B 20 30.15 -5.78 -2.14
N ARG B 21 31.31 -6.21 -2.62
CA ARG B 21 31.50 -6.59 -4.01
C ARG B 21 31.79 -8.08 -4.08
N ASP B 22 31.16 -8.77 -5.04
CA ASP B 22 31.40 -10.19 -5.21
C ASP B 22 32.86 -10.44 -5.54
N GLN B 23 33.45 -11.43 -4.87
CA GLN B 23 34.85 -11.73 -5.06
C GLN B 23 35.10 -12.76 -6.16
N HIS B 24 34.12 -13.61 -6.45
CA HIS B 24 34.24 -14.62 -7.49
C HIS B 24 33.50 -14.24 -8.78
N PHE B 25 33.06 -12.99 -8.90
CA PHE B 25 32.36 -12.58 -10.11
C PHE B 25 33.30 -12.59 -11.31
N ARG B 26 32.75 -12.94 -12.47
CA ARG B 26 33.52 -13.06 -13.71
C ARG B 26 33.37 -11.76 -14.49
N GLY B 27 34.17 -10.78 -14.12
CA GLY B 27 34.17 -9.50 -14.80
C GLY B 27 34.70 -8.41 -13.89
N ASP B 28 34.75 -7.21 -14.46
CA ASP B 28 35.24 -6.05 -13.73
C ASP B 28 34.16 -5.49 -12.82
N ASN B 29 34.59 -4.60 -11.91
CA ASN B 29 33.66 -4.03 -10.94
C ASN B 29 32.61 -3.16 -11.62
N GLU B 30 32.96 -2.53 -12.75
CA GLU B 30 32.07 -1.56 -13.36
C GLU B 30 30.80 -2.24 -13.87
N GLU B 31 30.95 -3.37 -14.57
CA GLU B 31 29.78 -4.08 -15.05
C GLU B 31 28.98 -4.70 -13.90
N GLN B 32 29.66 -5.06 -12.81
CA GLN B 32 28.93 -5.52 -11.64
C GLN B 32 28.06 -4.42 -11.07
N GLU B 33 28.58 -3.19 -11.00
CA GLU B 33 27.74 -2.07 -10.60
C GLU B 33 26.60 -1.84 -11.58
N LYS B 34 26.89 -1.94 -12.88
CA LYS B 34 25.83 -1.81 -13.87
C LYS B 34 24.69 -2.79 -13.59
N LEU B 35 25.05 -4.05 -13.33
CA LEU B 35 24.03 -5.05 -13.03
C LEU B 35 23.29 -4.70 -11.74
N LEU B 36 24.03 -4.24 -10.72
CA LEU B 36 23.39 -3.93 -9.44
C LEU B 36 22.37 -2.82 -9.58
N LYS B 37 22.64 -1.84 -10.45
CA LYS B 37 21.71 -0.74 -10.64
C LYS B 37 20.41 -1.17 -11.30
N LYS B 38 20.36 -2.38 -11.88
CA LYS B 38 19.17 -2.87 -12.55
C LYS B 38 18.81 -4.30 -12.11
N SER B 39 19.51 -4.84 -11.13
CA SER B 39 19.24 -6.20 -10.68
C SER B 39 17.92 -6.26 -9.91
N CYS B 40 17.42 -7.48 -9.73
CA CYS B 40 16.20 -7.72 -8.97
C CYS B 40 16.41 -8.75 -7.87
N THR B 41 17.64 -9.11 -7.57
CA THR B 41 17.95 -10.14 -6.59
C THR B 41 18.51 -9.52 -5.32
N LEU B 42 18.02 -9.99 -4.18
CA LEU B 42 18.44 -9.54 -2.87
C LEU B 42 19.05 -10.70 -2.09
N TYR B 43 20.23 -10.46 -1.54
CA TYR B 43 20.86 -11.41 -0.62
C TYR B 43 20.38 -11.09 0.79
N VAL B 44 19.67 -12.04 1.39
CA VAL B 44 19.11 -11.89 2.72
C VAL B 44 19.99 -12.67 3.69
N GLY B 45 20.67 -11.95 4.59
CA GLY B 45 21.54 -12.55 5.57
C GLY B 45 21.02 -12.38 7.00
N ASN B 46 21.76 -13.01 7.91
CA ASN B 46 21.41 -13.09 9.32
C ASN B 46 20.10 -13.85 9.52
N LEU B 47 20.04 -15.05 8.96
CA LEU B 47 18.93 -15.97 9.14
C LEU B 47 19.32 -17.09 10.10
N SER B 48 18.31 -17.71 10.70
CA SER B 48 18.51 -18.90 11.53
C SER B 48 18.50 -20.15 10.68
N PHE B 49 19.27 -21.15 11.10
CA PHE B 49 19.31 -22.41 10.37
C PHE B 49 17.92 -23.03 10.27
N TYR B 50 17.12 -22.92 11.32
CA TYR B 50 15.80 -23.54 11.35
C TYR B 50 14.79 -22.78 10.52
N THR B 51 15.12 -21.59 10.04
CA THR B 51 14.17 -20.78 9.28
C THR B 51 13.84 -21.46 7.96
N THR B 52 12.62 -21.99 7.85
CA THR B 52 12.18 -22.55 6.59
C THR B 52 11.86 -21.44 5.61
N GLU B 53 11.81 -21.81 4.33
CA GLU B 53 11.62 -20.80 3.28
C GLU B 53 10.18 -20.34 3.16
N GLU B 54 9.22 -21.07 3.76
CA GLU B 54 7.84 -20.62 3.70
C GLU B 54 7.66 -19.30 4.44
N GLN B 55 8.27 -19.18 5.62
CA GLN B 55 8.15 -17.93 6.36
C GLN B 55 8.93 -16.81 5.68
N ILE B 56 10.08 -17.12 5.09
CA ILE B 56 10.81 -16.11 4.32
C ILE B 56 9.94 -15.61 3.17
N TYR B 57 9.24 -16.51 2.48
CA TYR B 57 8.34 -16.09 1.42
C TYR B 57 7.19 -15.27 1.98
N GLU B 58 6.71 -15.61 3.17
CA GLU B 58 5.57 -14.89 3.73
C GLU B 58 5.98 -13.48 4.15
N LEU B 59 7.25 -13.30 4.54
CA LEU B 59 7.71 -11.98 4.94
C LEU B 59 8.03 -11.13 3.73
N PHE B 60 8.76 -11.69 2.76
CA PHE B 60 9.18 -10.92 1.60
C PHE B 60 8.10 -10.78 0.53
N SER B 61 6.98 -11.48 0.64
CA SER B 61 5.86 -11.25 -0.26
C SER B 61 5.03 -10.04 0.13
N LYS B 62 5.45 -9.31 1.17
CA LYS B 62 4.73 -8.11 1.57
C LYS B 62 5.17 -6.89 0.79
N SER B 63 6.33 -6.94 0.13
CA SER B 63 6.82 -5.86 -0.69
C SER B 63 6.45 -6.02 -2.16
N GLY B 64 5.95 -7.18 -2.56
CA GLY B 64 5.58 -7.39 -3.95
C GLY B 64 5.70 -8.86 -4.33
N ASP B 65 5.26 -9.15 -5.55
CA ASP B 65 5.25 -10.52 -6.06
C ASP B 65 6.67 -11.06 -6.18
N ILE B 66 6.95 -12.15 -5.48
CA ILE B 66 8.25 -12.79 -5.54
C ILE B 66 8.30 -13.71 -6.75
N LYS B 67 9.47 -13.78 -7.39
CA LYS B 67 9.68 -14.68 -8.52
C LYS B 67 10.34 -15.98 -8.10
N LYS B 68 11.42 -15.92 -7.32
CA LYS B 68 12.13 -17.14 -6.95
C LYS B 68 12.86 -16.94 -5.63
N ILE B 69 13.00 -18.04 -4.89
CA ILE B 69 13.73 -18.05 -3.62
C ILE B 69 14.72 -19.20 -3.65
N ILE B 70 15.96 -18.92 -3.28
CA ILE B 70 17.03 -19.93 -3.25
C ILE B 70 17.62 -19.91 -1.85
N MET B 71 17.45 -20.98 -1.10
CA MET B 71 17.99 -21.06 0.23
C MET B 71 19.49 -21.33 0.18
N GLY B 72 20.19 -20.92 1.24
CA GLY B 72 21.63 -21.10 1.30
C GLY B 72 22.01 -22.44 1.87
N LEU B 73 22.30 -23.40 1.00
CA LEU B 73 22.62 -24.75 1.43
C LEU B 73 24.09 -24.84 1.84
N ASP B 74 24.38 -25.84 2.67
CA ASP B 74 25.76 -26.11 3.06
C ASP B 74 26.51 -26.77 1.91
N LYS B 75 27.83 -26.54 1.89
CA LYS B 75 28.65 -27.05 0.78
C LYS B 75 28.61 -28.58 0.74
N MET B 76 28.69 -29.22 1.91
CA MET B 76 28.69 -30.68 1.99
C MET B 76 27.45 -31.24 2.67
N LYS B 77 27.02 -30.65 3.79
CA LYS B 77 25.85 -31.18 4.50
C LYS B 77 24.56 -30.87 3.76
N LYS B 78 24.56 -29.92 2.82
CA LYS B 78 23.36 -29.52 2.10
C LYS B 78 22.25 -29.12 3.07
N THR B 79 22.61 -28.37 4.10
CA THR B 79 21.66 -27.80 5.05
C THR B 79 21.80 -26.29 5.08
N ALA B 80 20.78 -25.63 5.61
CA ALA B 80 20.75 -24.18 5.64
C ALA B 80 21.94 -23.63 6.43
N CYS B 81 22.48 -22.51 5.95
CA CYS B 81 23.60 -21.85 6.60
C CYS B 81 23.25 -20.47 7.13
N GLY B 82 22.03 -19.98 6.90
CA GLY B 82 21.63 -18.69 7.40
C GLY B 82 21.79 -17.58 6.39
N PHE B 83 21.39 -17.85 5.15
CA PHE B 83 21.39 -16.83 4.11
C PHE B 83 20.57 -17.35 2.94
N CYS B 84 20.03 -16.41 2.15
CA CYS B 84 19.09 -16.74 1.10
C CYS B 84 19.19 -15.71 -0.02
N PHE B 85 18.67 -16.07 -1.18
CA PHE B 85 18.54 -15.15 -2.30
C PHE B 85 17.06 -15.07 -2.68
N VAL B 86 16.54 -13.85 -2.75
CA VAL B 86 15.16 -13.59 -3.13
C VAL B 86 15.18 -12.77 -4.42
N GLU B 87 14.58 -13.29 -5.48
CA GLU B 87 14.54 -12.64 -6.78
C GLU B 87 13.10 -12.22 -7.04
N TYR B 88 12.85 -10.92 -6.99
CA TYR B 88 11.55 -10.35 -7.27
C TYR B 88 11.32 -10.24 -8.77
N TYR B 89 10.09 -9.92 -9.15
CA TYR B 89 9.73 -9.79 -10.54
C TYR B 89 9.96 -8.39 -11.10
N SER B 90 10.01 -7.38 -10.23
CA SER B 90 10.20 -6.00 -10.66
C SER B 90 11.18 -5.30 -9.74
N ARG B 91 11.86 -4.29 -10.28
CA ARG B 91 12.82 -3.53 -9.49
C ARG B 91 12.15 -2.80 -8.34
N ALA B 92 10.96 -2.25 -8.58
CA ALA B 92 10.28 -1.46 -7.55
C ALA B 92 10.00 -2.32 -6.32
N ASP B 93 9.62 -3.58 -6.52
CA ASP B 93 9.35 -4.45 -5.39
C ASP B 93 10.61 -4.66 -4.56
N ALA B 94 11.76 -4.87 -5.21
CA ALA B 94 13.01 -5.02 -4.49
C ALA B 94 13.36 -3.75 -3.73
N GLU B 95 13.17 -2.59 -4.35
CA GLU B 95 13.43 -1.34 -3.64
C GLU B 95 12.55 -1.22 -2.40
N ASN B 96 11.26 -1.54 -2.54
CA ASN B 96 10.37 -1.47 -1.37
C ASN B 96 10.82 -2.43 -0.28
N ALA B 97 11.23 -3.64 -0.67
CA ALA B 97 11.70 -4.61 0.31
C ALA B 97 12.92 -4.09 1.05
N MET B 98 13.86 -3.47 0.33
CA MET B 98 15.03 -2.90 0.98
C MET B 98 14.65 -1.75 1.90
N ARG B 99 13.70 -0.91 1.48
CA ARG B 99 13.31 0.27 2.29
C ARG B 99 12.53 -0.13 3.54
N TYR B 100 11.82 -1.25 3.53
CA TYR B 100 10.96 -1.61 4.66
C TYR B 100 11.27 -2.96 5.28
N ILE B 101 11.62 -3.97 4.48
CA ILE B 101 11.92 -5.28 5.06
C ILE B 101 13.32 -5.30 5.65
N ASN B 102 14.25 -4.54 5.08
CA ASN B 102 15.62 -4.49 5.59
C ASN B 102 15.62 -4.07 7.05
N GLY B 103 16.23 -4.88 7.90
CA GLY B 103 16.33 -4.55 9.30
C GLY B 103 15.12 -4.91 10.13
N THR B 104 14.20 -5.71 9.58
CA THR B 104 13.01 -6.14 10.30
C THR B 104 13.25 -7.52 10.90
N ARG B 105 12.58 -7.78 12.01
CA ARG B 105 12.80 -9.03 12.73
C ARG B 105 12.15 -10.20 12.00
N LEU B 106 12.75 -11.38 12.17
CA LEU B 106 12.20 -12.63 11.64
C LEU B 106 12.75 -13.75 12.49
N ASP B 107 11.87 -14.49 13.16
CA ASP B 107 12.28 -15.48 14.16
C ASP B 107 13.10 -14.83 15.26
N ASP B 108 12.76 -13.59 15.61
CA ASP B 108 13.49 -12.83 16.62
C ASP B 108 14.94 -12.59 16.20
N ARG B 109 15.15 -12.53 14.88
CA ARG B 109 16.50 -12.31 14.28
C ARG B 109 16.44 -11.10 13.35
N ILE B 110 17.37 -10.14 13.46
CA ILE B 110 17.43 -8.90 12.63
C ILE B 110 18.00 -9.26 11.25
N ILE B 111 17.16 -9.57 10.26
CA ILE B 111 17.62 -9.92 8.88
C ILE B 111 18.18 -8.66 8.22
N ARG B 112 19.16 -8.81 7.32
CA ARG B 112 19.83 -7.68 6.62
C ARG B 112 19.90 -7.98 5.12
N THR B 113 19.01 -7.41 4.31
CA THR B 113 18.95 -7.58 2.84
C THR B 113 19.89 -6.59 2.13
N ASP B 114 20.54 -7.04 1.06
CA ASP B 114 21.47 -6.29 0.23
C ASP B 114 21.22 -6.63 -1.23
N TRP B 115 21.63 -5.73 -2.12
CA TRP B 115 21.51 -6.00 -3.55
C TRP B 115 22.49 -7.10 -3.96
N ASP B 116 22.13 -7.82 -5.03
CA ASP B 116 22.98 -8.86 -5.57
C ASP B 116 22.97 -8.78 -7.09
N ALA B 117 24.08 -9.20 -7.69
CA ALA B 117 24.28 -9.13 -9.13
C ALA B 117 23.59 -10.26 -9.90
N GLY B 118 22.68 -10.99 -9.27
CA GLY B 118 21.99 -12.10 -9.91
C GLY B 118 22.47 -13.44 -9.36
N PHE B 119 21.75 -14.49 -9.79
CA PHE B 119 22.01 -15.84 -9.33
C PHE B 119 22.70 -16.65 -10.42
N LYS B 120 23.79 -17.32 -10.05
CA LYS B 120 24.47 -18.29 -10.89
C LYS B 120 24.64 -19.59 -10.13
N GLU B 121 24.66 -20.70 -10.88
CA GLU B 121 24.81 -22.00 -10.24
C GLU B 121 26.08 -22.05 -9.40
N GLY B 122 25.97 -22.60 -8.20
CA GLY B 122 27.07 -22.69 -7.28
C GLY B 122 27.19 -21.54 -6.30
N ARG B 123 26.38 -20.49 -6.45
CA ARG B 123 26.39 -19.39 -5.50
C ARG B 123 25.69 -19.76 -4.19
N GLN B 124 24.75 -20.70 -4.22
CA GLN B 124 23.96 -21.02 -3.04
C GLN B 124 24.76 -21.75 -1.96
N TYR B 125 25.98 -22.19 -2.26
CA TYR B 125 26.81 -22.88 -1.28
C TYR B 125 27.75 -21.89 -0.62
N GLY B 126 27.80 -21.95 0.72
CA GLY B 126 28.63 -21.04 1.48
C GLY B 126 30.10 -21.12 1.14
N ARG B 127 30.74 -19.97 0.91
CA ARG B 127 32.14 -19.95 0.53
C ARG B 127 33.05 -20.45 1.65
N GLY B 128 32.57 -20.50 2.88
CA GLY B 128 33.38 -20.97 3.99
C GLY B 128 33.92 -22.36 3.76
N ARG B 129 35.22 -22.55 4.02
CA ARG B 129 35.83 -23.86 3.78
C ARG B 129 35.30 -24.91 4.73
N SER B 130 34.70 -24.52 5.85
CA SER B 130 34.02 -25.47 6.73
C SER B 130 32.67 -25.89 6.15
N GLY B 131 32.14 -25.15 5.19
CA GLY B 131 30.87 -25.48 4.58
C GLY B 131 29.84 -24.39 4.78
N GLY B 132 29.84 -23.77 5.95
CA GLY B 132 28.86 -22.75 6.26
C GLY B 132 29.22 -21.39 5.69
N GLN B 133 29.00 -20.34 6.47
CA GLN B 133 29.31 -18.98 6.07
C GLN B 133 30.62 -18.52 6.70
N VAL B 134 31.32 -17.63 5.98
CA VAL B 134 32.60 -17.14 6.48
C VAL B 134 32.41 -16.44 7.82
N ARG B 135 31.37 -15.61 7.93
CA ARG B 135 31.07 -14.99 9.21
C ARG B 135 30.80 -16.03 10.29
N ASP B 136 30.15 -17.14 9.92
CA ASP B 136 29.94 -18.23 10.86
C ASP B 136 31.25 -18.91 11.23
N GLU B 137 32.27 -18.83 10.38
CA GLU B 137 33.57 -19.42 10.68
C GLU B 137 34.46 -18.49 11.50
N TYR B 138 34.21 -17.18 11.45
CA TYR B 138 35.03 -16.22 12.18
C TYR B 138 34.42 -15.81 13.52
N ARG B 139 33.09 -15.83 13.64
CA ARG B 139 32.47 -15.42 14.89
C ARG B 139 32.83 -16.39 16.01
N GLN B 140 32.84 -15.87 17.23
CA GLN B 140 33.13 -16.68 18.41
C GLN B 140 32.02 -16.67 19.45
N ASP B 141 31.01 -15.82 19.30
CA ASP B 141 29.92 -15.75 20.27
C ASP B 141 28.91 -16.86 19.99
N TYR B 142 28.34 -17.39 21.06
CA TYR B 142 27.35 -18.45 20.93
C TYR B 142 26.07 -17.93 20.30
N ASP B 143 25.42 -18.78 19.52
CA ASP B 143 24.18 -18.41 18.84
C ASP B 143 23.40 -19.68 18.55
N ALA B 144 22.28 -19.87 19.26
CA ALA B 144 21.48 -21.08 19.06
C ALA B 144 20.96 -21.17 17.65
N GLY B 145 20.48 -20.05 17.09
CA GLY B 145 19.95 -20.06 15.73
C GLY B 145 20.98 -20.35 14.66
N ARG B 146 22.26 -20.21 14.99
CA ARG B 146 23.36 -20.46 14.06
C ARG B 146 24.14 -21.71 14.45
N GLY B 147 23.44 -22.73 14.93
CA GLY B 147 24.10 -23.98 15.32
C GLY B 147 24.76 -23.98 16.69
N GLY B 148 25.57 -22.97 16.98
CA GLY B 148 26.25 -22.88 18.25
C GLY B 148 27.52 -22.07 18.11
N TYR B 149 28.56 -22.52 18.82
CA TYR B 149 29.85 -21.84 18.75
C TYR B 149 30.43 -21.92 17.35
N GLY B 150 31.28 -20.96 17.02
CA GLY B 150 31.88 -20.93 15.69
C GLY B 150 32.75 -22.13 15.43
N LYS B 151 32.91 -22.44 14.15
CA LYS B 151 33.69 -23.61 13.76
C LYS B 151 35.07 -23.59 14.37
N LEU B 152 35.67 -22.40 14.49
CA LEU B 152 37.00 -22.30 15.10
C LEU B 152 36.96 -22.75 16.55
N ALA B 153 35.90 -22.42 17.28
CA ALA B 153 35.82 -22.78 18.69
C ALA B 153 35.89 -24.29 18.88
N GLN B 154 35.16 -25.03 18.06
CA GLN B 154 35.21 -26.49 18.12
C GLN B 154 36.55 -27.00 17.55
N LYS C 113 -6.27 0.01 32.91
CA LYS C 113 -5.00 -0.71 32.94
C LYS C 113 -4.21 -0.47 31.66
N ILE C 114 -3.10 0.26 31.78
CA ILE C 114 -2.24 0.53 30.63
C ILE C 114 -1.56 -0.77 30.23
N ASN C 115 -1.95 -1.31 29.07
CA ASN C 115 -1.26 -2.46 28.47
C ASN C 115 0.14 -2.02 28.05
N ASN C 116 1.14 -2.38 28.85
CA ASN C 116 2.53 -2.03 28.59
C ASN C 116 3.35 -3.25 28.16
N ILE C 117 2.69 -4.24 27.53
CA ILE C 117 3.37 -5.47 27.17
C ILE C 117 4.51 -5.17 26.19
N TRP C 118 4.27 -4.26 25.24
CA TRP C 118 5.28 -4.01 24.22
C TRP C 118 6.40 -3.13 24.73
N GLY C 119 6.14 -2.31 25.75
CA GLY C 119 7.24 -1.65 26.43
C GLY C 119 8.18 -2.65 27.07
N ALA C 120 7.62 -3.71 27.67
CA ALA C 120 8.45 -4.76 28.24
C ALA C 120 9.20 -5.52 27.15
N VAL C 121 8.53 -5.77 26.02
CA VAL C 121 9.19 -6.46 24.91
C VAL C 121 10.36 -5.63 24.41
N LEU C 122 10.16 -4.32 24.26
CA LEU C 122 11.24 -3.45 23.79
C LEU C 122 12.38 -3.41 24.80
N GLN C 123 12.06 -3.39 26.09
CA GLN C 123 13.10 -3.42 27.11
C GLN C 123 13.92 -4.70 27.02
N GLU C 124 13.23 -5.84 26.86
CA GLU C 124 13.94 -7.11 26.74
C GLU C 124 14.80 -7.14 25.47
N GLN C 125 14.27 -6.65 24.36
CA GLN C 125 15.04 -6.65 23.12
C GLN C 125 16.27 -5.76 23.24
N ASN C 126 16.12 -4.61 23.91
CA ASN C 126 17.29 -3.75 24.11
C ASN C 126 18.31 -4.41 25.02
N GLN C 127 17.84 -5.13 26.04
CA GLN C 127 18.77 -5.85 26.92
C GLN C 127 19.53 -6.91 26.14
N ASP C 128 18.82 -7.66 25.28
CA ASP C 128 19.48 -8.67 24.46
C ASP C 128 20.47 -8.04 23.50
N ALA C 129 20.11 -6.90 22.89
CA ALA C 129 21.03 -6.23 21.98
C ALA C 129 22.28 -5.76 22.71
N VAL C 130 22.12 -5.27 23.94
CA VAL C 130 23.28 -4.84 24.72
C VAL C 130 24.14 -6.05 25.09
N ALA C 131 23.50 -7.17 25.44
CA ALA C 131 24.25 -8.37 25.76
C ALA C 131 25.05 -8.87 24.56
N THR C 132 24.44 -8.84 23.38
CA THR C 132 25.13 -9.27 22.16
C THR C 132 26.28 -8.32 21.83
N SER D 388 15.86 -24.68 -14.20
CA SER D 388 14.46 -24.33 -14.32
C SER D 388 14.22 -23.46 -15.56
N HIS D 389 13.97 -24.11 -16.69
CA HIS D 389 13.72 -23.40 -17.94
C HIS D 389 12.62 -22.36 -17.75
N ASP D 390 12.88 -21.15 -18.27
CA ASP D 390 11.98 -20.01 -18.09
C ASP D 390 10.61 -20.21 -18.74
N LEU D 391 9.69 -20.80 -17.98
CA LEU D 391 8.31 -20.98 -18.45
C LEU D 391 7.42 -19.79 -18.13
N ASP D 392 7.78 -18.97 -17.15
CA ASP D 392 6.93 -17.86 -16.71
C ASP D 392 6.85 -16.82 -17.82
N ILE D 393 6.02 -17.12 -18.82
CA ILE D 393 5.75 -16.18 -19.90
C ILE D 393 4.60 -15.24 -19.55
N PHE D 394 3.74 -15.62 -18.61
CA PHE D 394 2.61 -14.80 -18.21
C PHE D 394 2.91 -14.09 -16.90
PG MGT E . 32.51 -12.06 3.39
O1G MGT E . 32.93 -11.17 2.25
O2G MGT E . 31.55 -11.38 4.33
O3G MGT E . 33.68 -12.70 4.10
O3B MGT E . 31.69 -13.28 2.72
PB MGT E . 31.88 -14.09 1.35
O1B MGT E . 30.90 -13.56 0.35
O2B MGT E . 33.33 -14.11 1.01
O3A MGT E . 31.44 -15.55 1.79
PA MGT E . 30.02 -16.15 2.27
O1A MGT E . 30.22 -17.59 2.64
O2A MGT E . 29.43 -15.23 3.27
O5' MGT E . 29.19 -16.07 0.90
C5' MGT E . 28.27 -17.14 0.58
C4' MGT E . 27.23 -16.62 -0.37
O4' MGT E . 26.58 -15.46 0.23
C3' MGT E . 27.75 -16.13 -1.74
O3' MGT E . 26.78 -16.41 -2.74
C2' MGT E . 27.99 -14.66 -1.47
O2' MGT E . 27.99 -13.88 -2.64
C1' MGT E . 26.76 -14.34 -0.62
N9 MGT E . 26.96 -13.15 0.21
C8 MGT E . 27.62 -13.17 1.51
N7 MGT E . 27.55 -11.78 1.92
CM7 MGT E . 28.08 -11.28 3.18
C5 MGT E . 26.91 -11.02 0.94
C6 MGT E . 26.62 -9.65 0.90
O6 MGT E . 26.88 -8.79 1.73
N1 MGT E . 25.96 -9.33 -0.28
C2 MGT E . 25.62 -10.20 -1.28
N2 MGT E . 25.00 -9.70 -2.35
N3 MGT E . 25.90 -11.49 -1.23
C4 MGT E . 26.54 -11.87 -0.10
H5'1 MGT E . 27.83 -17.48 1.40
H5'2 MGT E . 28.76 -17.89 0.16
H4' MGT E . 26.57 -17.33 -0.52
H3' MGT E . 28.62 -16.56 -1.95
HO3' MGT E . 27.08 -16.15 -3.49
H2' MGT E . 28.82 -14.53 -0.95
HO2' MGT E . 28.60 -14.12 -3.19
H1' MGT E . 25.96 -14.25 -1.18
H81 MGT E . 27.13 -13.74 2.14
H82 MGT E . 28.54 -13.46 1.43
HM71 MGT E . 27.40 -11.32 3.86
HM72 MGT E . 28.84 -11.83 3.45
HM73 MGT E . 28.37 -10.36 3.07
HN1 MGT E . 25.74 -8.49 -0.41
HN21 MGT E . 25.02 -8.83 -2.49
HN22 MGT E . 24.56 -10.23 -2.89
#